data_8QKK
#
_entry.id   8QKK
#
_cell.length_a   1.00
_cell.length_b   1.00
_cell.length_c   1.00
_cell.angle_alpha   90.00
_cell.angle_beta   90.00
_cell.angle_gamma   90.00
#
_symmetry.space_group_name_H-M   'P 1'
#
_entity_poly.entity_id   1
_entity_poly.type   'polypeptide(L)'
_entity_poly.pdbx_seq_one_letter_code
;MGFAWWGRTVYQFRYIVIGVMVALCLGGGVYGISLGNHVTQSGFYDEGSQSVAASLIGDEVYGRDRTSHVVAILTPPDDK
KVTDKAWQKKVTEELDQVVKDHEDQIVGWVGWLKAPDTTDPTVSAMKTQDLRHTFISIPLQGDDDDEILKNYQVVEPELQ
QVNGGDIRLAGLNPLASELTGTIGEDQKRAEVAAIPLVAVVLFFVFGTVIAAALPAIIGGLAIAGALGIMRLVAEFTPVH
FFAQPVVTLIGLGIAIDYGLFIVSRFREEIAEGYDTEAAVRRTVMTSGRTVVFSAVIIVASSVPLLLFPQGFLKSITYAI
IASVMLAAILSITVLAAALAILGPRVDALGVTTLLKIPFLANWQFSRRIIDWFAEKTQKTKTREEVERGFWGRLVNVVMK
RPIAFAAPILVVMVLLIIPLGQLSLGGISEKYLPPDNAVRQSQEQFDKLFPGFRTEPLTLVMKREDGEPITDAQIADMRA
KALTVSGFTDPDNDPEKMWKERPANDSGSKDPSVRVIQNGLENRNDAAKKIDELRALQPPHGIEVFVGGTPALEQDSIHS
LFDKLPLMALILIVTTTVLMFLAFGSVVLPIKAALMSALTLGSTMGILTWMFVDGHGSGLMNYTPQPLMAPMIGLIIAVI
WGLSTDYEVFLVSRMVEARERGMSTAEAIRIGTATTGRLITGAALILAVVAGAFVFSDLVMMKYLAFGLLIALLLDATII
RMFLVPAVMKLLGDDCWWAPRWMKRVQEKLGLGETELPDERKRPTVRESETDQRENLYFQ
;
_entity_poly.pdbx_strand_id   A
#
# COMPACT_ATOMS: atom_id res chain seq x y z
N GLY A 2 -13.62 -18.37 28.16
CA GLY A 2 -14.59 -17.40 27.59
C GLY A 2 -15.06 -17.79 26.20
N PHE A 3 -14.18 -18.46 25.45
CA PHE A 3 -14.53 -18.89 24.10
C PHE A 3 -15.40 -20.14 24.08
N ALA A 4 -15.44 -20.90 25.18
CA ALA A 4 -16.30 -22.08 25.23
C ALA A 4 -17.76 -21.69 25.10
N TRP A 5 -18.16 -20.60 25.74
CA TRP A 5 -19.54 -20.12 25.61
C TRP A 5 -19.87 -19.82 24.16
N TRP A 6 -18.97 -19.14 23.45
CA TRP A 6 -19.25 -18.80 22.06
C TRP A 6 -19.26 -20.05 21.19
N GLY A 7 -18.40 -21.02 21.49
CA GLY A 7 -18.47 -22.27 20.74
C GLY A 7 -19.81 -22.97 20.92
N ARG A 8 -20.27 -23.06 22.16
CA ARG A 8 -21.57 -23.67 22.40
C ARG A 8 -22.68 -22.91 21.69
N THR A 9 -22.63 -21.57 21.74
CA THR A 9 -23.68 -20.78 21.10
C THR A 9 -23.66 -20.96 19.58
N VAL A 10 -22.47 -20.93 18.97
CA VAL A 10 -22.39 -21.00 17.52
C VAL A 10 -22.82 -22.38 17.05
N TYR A 11 -22.48 -23.43 17.79
CA TYR A 11 -23.02 -24.75 17.45
C TYR A 11 -24.53 -24.78 17.61
N GLN A 12 -25.05 -24.15 18.66
CA GLN A 12 -26.49 -24.15 18.90
C GLN A 12 -27.24 -23.34 17.86
N PHE A 13 -26.63 -22.25 17.37
CA PHE A 13 -27.24 -21.37 16.38
C PHE A 13 -26.41 -21.33 15.11
N ARG A 14 -25.94 -22.50 14.66
CA ARG A 14 -25.08 -22.56 13.48
C ARG A 14 -25.79 -22.02 12.24
N TYR A 15 -27.02 -22.47 12.00
CA TYR A 15 -27.74 -22.04 10.80
C TYR A 15 -27.98 -20.54 10.81
N ILE A 16 -28.42 -20.01 11.95
CA ILE A 16 -28.76 -18.58 12.03
C ILE A 16 -27.51 -17.73 11.81
N VAL A 17 -26.40 -18.10 12.47
CA VAL A 17 -25.18 -17.31 12.33
C VAL A 17 -24.67 -17.39 10.90
N ILE A 18 -24.69 -18.59 10.30
CA ILE A 18 -24.23 -18.72 8.92
C ILE A 18 -25.04 -17.83 8.01
N GLY A 19 -26.37 -17.91 8.10
CA GLY A 19 -27.20 -17.09 7.23
C GLY A 19 -26.96 -15.62 7.45
N VAL A 20 -26.95 -15.17 8.70
CA VAL A 20 -26.83 -13.75 9.00
C VAL A 20 -25.50 -13.22 8.47
N MET A 21 -24.39 -13.91 8.78
CA MET A 21 -23.10 -13.36 8.42
C MET A 21 -22.79 -13.54 6.94
N VAL A 22 -23.25 -14.61 6.29
CA VAL A 22 -23.04 -14.70 4.85
C VAL A 22 -23.84 -13.62 4.13
N ALA A 23 -25.08 -13.37 4.57
CA ALA A 23 -25.85 -12.28 3.98
C ALA A 23 -25.16 -10.94 4.21
N LEU A 24 -24.64 -10.72 5.42
CA LEU A 24 -23.96 -9.47 5.70
C LEU A 24 -22.73 -9.29 4.82
N CYS A 25 -21.94 -10.35 4.64
CA CYS A 25 -20.74 -10.25 3.83
C CYS A 25 -21.09 -10.02 2.35
N LEU A 26 -22.12 -10.71 1.85
CA LEU A 26 -22.54 -10.48 0.47
C LEU A 26 -23.03 -9.06 0.27
N GLY A 27 -23.82 -8.54 1.22
CA GLY A 27 -24.27 -7.17 1.12
C GLY A 27 -23.12 -6.18 1.17
N GLY A 28 -22.14 -6.42 2.05
CA GLY A 28 -20.98 -5.55 2.09
C GLY A 28 -20.19 -5.58 0.80
N GLY A 29 -20.01 -6.77 0.22
CA GLY A 29 -19.32 -6.84 -1.06
C GLY A 29 -20.05 -6.11 -2.16
N VAL A 30 -21.37 -6.27 -2.22
CA VAL A 30 -22.17 -5.55 -3.22
C VAL A 30 -22.04 -4.04 -3.02
N TYR A 31 -22.08 -3.60 -1.76
CA TYR A 31 -21.92 -2.18 -1.49
C TYR A 31 -20.55 -1.68 -1.91
N GLY A 32 -19.51 -2.48 -1.67
CA GLY A 32 -18.15 -2.08 -2.00
C GLY A 32 -17.78 -2.21 -3.47
N ILE A 33 -18.60 -2.89 -4.27
CA ILE A 33 -18.34 -2.94 -5.70
C ILE A 33 -18.03 -1.55 -6.24
N SER A 34 -18.75 -0.54 -5.74
CA SER A 34 -18.58 0.83 -6.19
C SER A 34 -17.56 1.60 -5.36
N LEU A 35 -16.66 0.91 -4.66
CA LEU A 35 -15.65 1.59 -3.87
C LEU A 35 -14.66 2.37 -4.74
N GLY A 36 -14.51 1.99 -6.01
CA GLY A 36 -13.58 2.68 -6.87
C GLY A 36 -14.00 4.07 -7.27
N ASN A 37 -15.30 4.38 -7.19
CA ASN A 37 -15.78 5.70 -7.54
C ASN A 37 -15.62 6.69 -6.39
N HIS A 38 -15.64 6.21 -5.15
CA HIS A 38 -15.61 7.05 -3.96
C HIS A 38 -14.29 6.89 -3.21
N VAL A 39 -13.19 6.81 -3.94
CA VAL A 39 -11.85 6.66 -3.37
C VAL A 39 -10.99 7.82 -3.86
N THR A 40 -10.30 8.47 -2.93
CA THR A 40 -9.46 9.62 -3.24
C THR A 40 -8.01 9.21 -3.41
N GLN A 41 -7.18 10.19 -3.80
CA GLN A 41 -5.76 9.95 -4.02
C GLN A 41 -4.91 11.09 -3.49
N SER A 42 -5.36 11.76 -2.43
CA SER A 42 -4.70 12.94 -1.90
C SER A 42 -4.26 12.75 -0.45
N GLY A 43 -3.89 11.54 -0.07
CA GLY A 43 -3.47 11.25 1.29
C GLY A 43 -1.99 10.98 1.43
N PHE A 44 -1.20 11.46 0.48
CA PHE A 44 0.24 11.18 0.46
C PHE A 44 1.08 12.17 1.25
N TYR A 45 0.48 13.24 1.76
CA TYR A 45 1.21 14.29 2.45
C TYR A 45 0.60 14.52 3.82
N ASP A 46 1.46 14.87 4.78
CA ASP A 46 0.98 15.21 6.12
C ASP A 46 0.08 16.43 6.07
N GLU A 47 -0.99 16.40 6.85
CA GLU A 47 -1.97 17.47 6.86
C GLU A 47 -1.71 18.41 8.04
N GLY A 48 -2.08 19.67 7.84
CA GLY A 48 -1.89 20.67 8.88
C GLY A 48 -0.44 20.99 9.17
N SER A 49 0.41 20.97 8.15
CA SER A 49 1.81 21.37 8.26
C SER A 49 2.01 22.69 7.54
N GLN A 50 3.24 23.22 7.65
CA GLN A 50 3.53 24.51 7.02
C GLN A 50 3.39 24.43 5.51
N SER A 51 3.90 23.35 4.90
CA SER A 51 3.85 23.23 3.45
C SER A 51 2.41 23.12 2.94
N VAL A 52 1.58 22.31 3.60
CA VAL A 52 0.21 22.15 3.16
C VAL A 52 -0.58 23.44 3.39
N ALA A 53 -0.30 24.13 4.49
CA ALA A 53 -0.95 25.43 4.72
C ALA A 53 -0.56 26.41 3.63
N ALA A 54 0.72 26.45 3.25
CA ALA A 54 1.15 27.33 2.17
C ALA A 54 0.45 26.99 0.87
N SER A 55 0.35 25.70 0.54
CA SER A 55 -0.31 25.30 -0.69
C SER A 55 -1.78 25.69 -0.67
N LEU A 56 -2.46 25.48 0.47
CA LEU A 56 -3.87 25.85 0.58
C LEU A 56 -4.06 27.35 0.42
N ILE A 57 -3.18 28.15 1.05
CA ILE A 57 -3.30 29.60 0.92
C ILE A 57 -3.07 30.02 -0.53
N GLY A 58 -2.08 29.44 -1.18
CA GLY A 58 -1.83 29.77 -2.58
C GLY A 58 -3.02 29.42 -3.47
N ASP A 59 -3.60 28.24 -3.26
CA ASP A 59 -4.77 27.86 -4.05
C ASP A 59 -5.94 28.81 -3.78
N GLU A 60 -6.14 29.19 -2.52
CA GLU A 60 -7.25 30.07 -2.18
C GLU A 60 -7.09 31.44 -2.82
N VAL A 61 -5.87 31.98 -2.82
CA VAL A 61 -5.65 33.35 -3.27
C VAL A 61 -5.46 33.40 -4.78
N TYR A 62 -4.43 32.75 -5.29
CA TYR A 62 -4.07 32.80 -6.70
C TYR A 62 -4.64 31.64 -7.51
N GLY A 63 -5.42 30.75 -6.89
CA GLY A 63 -6.01 29.64 -7.60
C GLY A 63 -5.04 28.51 -7.82
N ARG A 64 -5.57 27.40 -8.35
CA ARG A 64 -4.75 26.24 -8.63
C ARG A 64 -3.97 26.43 -9.91
N ASP A 65 -2.84 25.72 -10.02
CA ASP A 65 -2.05 25.72 -11.24
C ASP A 65 -2.63 24.69 -12.18
N ARG A 66 -3.48 25.14 -13.11
CA ARG A 66 -4.19 24.26 -14.02
C ARG A 66 -3.42 24.01 -15.33
N THR A 67 -2.29 24.68 -15.54
CA THR A 67 -1.54 24.53 -16.77
C THR A 67 -0.82 23.20 -16.89
N SER A 68 -0.64 22.47 -15.79
CA SER A 68 0.08 21.21 -15.79
C SER A 68 -0.83 20.01 -15.53
N HIS A 69 -2.13 20.15 -15.79
CA HIS A 69 -3.04 19.02 -15.57
C HIS A 69 -2.78 17.91 -16.58
N VAL A 70 -2.98 18.20 -17.86
CA VAL A 70 -2.66 17.28 -18.93
C VAL A 70 -1.97 18.07 -20.05
N VAL A 71 -0.82 17.59 -20.50
CA VAL A 71 -0.07 18.20 -21.59
C VAL A 71 -0.03 17.22 -22.74
N ALA A 72 -0.47 17.67 -23.91
CA ALA A 72 -0.57 16.84 -25.10
C ALA A 72 0.54 17.24 -26.06
N ILE A 73 1.45 16.31 -26.33
CA ILE A 73 2.54 16.52 -27.28
C ILE A 73 2.03 16.16 -28.66
N LEU A 74 2.23 17.06 -29.62
CA LEU A 74 1.75 16.93 -30.99
C LEU A 74 2.95 16.73 -31.90
N THR A 75 2.89 15.67 -32.71
CA THR A 75 3.95 15.34 -33.67
C THR A 75 3.35 15.32 -35.08
N PRO A 76 3.68 16.27 -35.95
CA PRO A 76 3.08 16.26 -37.29
C PRO A 76 3.41 14.99 -38.04
N PRO A 77 2.47 14.47 -38.83
CA PRO A 77 2.73 13.24 -39.57
C PRO A 77 3.61 13.46 -40.80
N ASP A 78 4.18 12.36 -41.28
CA ASP A 78 5.00 12.37 -42.49
C ASP A 78 6.17 13.35 -42.39
N ASP A 79 6.72 13.50 -41.19
CA ASP A 79 7.89 14.36 -40.97
C ASP A 79 7.63 15.78 -41.47
N LYS A 80 6.44 16.29 -41.20
CA LYS A 80 6.11 17.67 -41.53
C LYS A 80 6.49 18.59 -40.38
N LYS A 81 6.72 19.85 -40.72
CA LYS A 81 7.05 20.86 -39.72
C LYS A 81 5.79 21.29 -38.98
N VAL A 82 5.96 21.69 -37.73
CA VAL A 82 4.83 22.16 -36.92
C VAL A 82 4.26 23.47 -37.43
N THR A 83 4.95 24.15 -38.35
CA THR A 83 4.49 25.41 -38.91
C THR A 83 3.61 25.23 -40.14
N ASP A 84 3.32 23.98 -40.53
CA ASP A 84 2.47 23.76 -41.69
C ASP A 84 1.08 24.31 -41.44
N LYS A 85 0.60 25.15 -42.36
CA LYS A 85 -0.69 25.79 -42.18
C LYS A 85 -1.82 24.76 -42.14
N ALA A 86 -1.78 23.78 -43.05
CA ALA A 86 -2.85 22.78 -43.10
C ALA A 86 -2.90 21.97 -41.82
N TRP A 87 -1.73 21.49 -41.35
CA TRP A 87 -1.69 20.70 -40.13
C TRP A 87 -2.15 21.54 -38.93
N GLN A 88 -1.68 22.78 -38.85
CA GLN A 88 -2.08 23.64 -37.73
C GLN A 88 -3.59 23.84 -37.73
N LYS A 89 -4.16 24.13 -38.90
CA LYS A 89 -5.61 24.34 -38.98
C LYS A 89 -6.36 23.08 -38.59
N LYS A 90 -5.92 21.92 -39.09
CA LYS A 90 -6.61 20.67 -38.78
C LYS A 90 -6.58 20.38 -37.29
N VAL A 91 -5.40 20.50 -36.67
CA VAL A 91 -5.28 20.17 -35.25
C VAL A 91 -6.02 21.18 -34.40
N THR A 92 -5.99 22.47 -34.78
CA THR A 92 -6.75 23.47 -34.04
C THR A 92 -8.24 23.17 -34.10
N GLU A 93 -8.75 22.80 -35.29
CA GLU A 93 -10.16 22.46 -35.41
C GLU A 93 -10.49 21.24 -34.57
N GLU A 94 -9.63 20.21 -34.59
CA GLU A 94 -9.89 19.02 -33.79
C GLU A 94 -9.93 19.34 -32.31
N LEU A 95 -8.96 20.14 -31.83
CA LEU A 95 -8.93 20.49 -30.42
C LEU A 95 -10.13 21.33 -30.03
N ASP A 96 -10.53 22.27 -30.90
CA ASP A 96 -11.72 23.06 -30.61
C ASP A 96 -12.95 22.18 -30.53
N GLN A 97 -13.07 21.21 -31.43
CA GLN A 97 -14.21 20.29 -31.38
C GLN A 97 -14.19 19.48 -30.10
N VAL A 98 -13.01 19.02 -29.68
CA VAL A 98 -12.91 18.26 -28.43
C VAL A 98 -13.35 19.13 -27.25
N VAL A 99 -12.89 20.38 -27.21
CA VAL A 99 -13.24 21.25 -26.09
C VAL A 99 -14.73 21.53 -26.07
N LYS A 100 -15.31 21.84 -27.23
CA LYS A 100 -16.74 22.15 -27.30
C LYS A 100 -17.60 20.94 -26.97
N ASP A 101 -17.14 19.73 -27.34
CA ASP A 101 -17.92 18.54 -27.03
C ASP A 101 -18.05 18.36 -25.53
N HIS A 102 -16.97 18.59 -24.78
CA HIS A 102 -16.96 18.47 -23.33
C HIS A 102 -16.61 19.82 -22.73
N GLU A 103 -17.63 20.59 -22.36
CA GLU A 103 -17.44 21.87 -21.70
C GLU A 103 -17.27 21.74 -20.20
N ASP A 104 -17.51 20.56 -19.63
CA ASP A 104 -17.40 20.33 -18.20
C ASP A 104 -16.08 19.70 -17.80
N GLN A 105 -15.57 18.74 -18.58
CA GLN A 105 -14.34 18.07 -18.22
C GLN A 105 -13.10 18.92 -18.50
N ILE A 106 -13.16 19.81 -19.49
CA ILE A 106 -12.01 20.58 -19.94
C ILE A 106 -12.35 22.06 -19.87
N VAL A 107 -11.50 22.84 -19.19
CA VAL A 107 -11.62 24.29 -19.24
C VAL A 107 -11.34 24.80 -20.65
N GLY A 108 -10.29 24.28 -21.26
CA GLY A 108 -9.90 24.71 -22.59
C GLY A 108 -8.50 24.21 -22.90
N TRP A 109 -7.99 24.67 -24.04
CA TRP A 109 -6.64 24.32 -24.47
C TRP A 109 -5.89 25.60 -24.82
N VAL A 110 -4.71 25.77 -24.25
CA VAL A 110 -3.88 26.95 -24.47
C VAL A 110 -2.48 26.49 -24.86
N GLY A 111 -1.93 27.07 -25.90
CA GLY A 111 -0.60 26.70 -26.34
C GLY A 111 -0.16 27.53 -27.52
N TRP A 112 0.97 27.13 -28.11
CA TRP A 112 1.49 27.86 -29.26
C TRP A 112 0.51 27.83 -30.41
N LEU A 113 -0.12 26.67 -30.66
CA LEU A 113 -1.09 26.57 -31.74
C LEU A 113 -2.22 27.58 -31.57
N LYS A 114 -2.51 27.97 -30.33
CA LYS A 114 -3.53 28.99 -30.09
C LYS A 114 -3.15 30.30 -30.77
N ALA A 115 -1.88 30.71 -30.65
CA ALA A 115 -1.39 31.95 -31.23
C ALA A 115 0.01 31.73 -31.77
N PRO A 116 0.13 31.10 -32.95
CA PRO A 116 1.47 30.84 -33.50
C PRO A 116 2.25 32.11 -33.81
N ASP A 117 1.59 33.25 -33.98
CA ASP A 117 2.25 34.49 -34.32
C ASP A 117 2.66 35.31 -33.10
N THR A 118 2.38 34.84 -31.90
CA THR A 118 2.72 35.60 -30.70
C THR A 118 4.22 35.62 -30.49
N THR A 119 4.75 36.80 -30.19
CA THR A 119 6.18 36.97 -29.90
C THR A 119 6.46 36.87 -28.41
N ASP A 120 5.98 35.79 -27.79
CA ASP A 120 6.18 35.55 -26.37
C ASP A 120 7.26 34.50 -26.18
N PRO A 121 8.41 34.82 -25.58
CA PRO A 121 9.46 33.79 -25.45
C PRO A 121 8.99 32.56 -24.70
N THR A 122 8.15 32.72 -23.67
CA THR A 122 7.66 31.56 -22.93
C THR A 122 6.83 30.65 -23.83
N VAL A 123 5.93 31.24 -24.61
CA VAL A 123 5.12 30.44 -25.55
C VAL A 123 6.00 29.94 -26.70
N SER A 124 6.89 30.80 -27.20
CA SER A 124 7.74 30.39 -28.32
C SER A 124 8.61 29.19 -27.94
N ALA A 125 8.96 29.06 -26.67
CA ALA A 125 9.71 27.89 -26.21
C ALA A 125 8.86 26.63 -26.19
N MET A 126 7.54 26.76 -26.39
CA MET A 126 6.65 25.61 -26.38
C MET A 126 6.83 24.71 -27.59
N LYS A 127 7.53 25.17 -28.62
CA LYS A 127 7.81 24.38 -29.82
C LYS A 127 9.31 24.13 -29.92
N THR A 128 9.67 22.91 -30.30
CA THR A 128 11.07 22.53 -30.37
C THR A 128 11.79 23.34 -31.45
N GLN A 129 13.10 23.50 -31.26
CA GLN A 129 13.90 24.26 -32.22
C GLN A 129 13.89 23.60 -33.60
N ASP A 130 13.88 22.25 -33.63
CA ASP A 130 13.81 21.54 -34.89
C ASP A 130 12.46 21.67 -35.57
N LEU A 131 11.46 22.23 -34.88
CA LEU A 131 10.12 22.41 -35.45
C LEU A 131 9.52 21.08 -35.88
N ARG A 132 9.76 20.04 -35.08
CA ARG A 132 9.21 18.72 -35.33
C ARG A 132 8.18 18.29 -34.30
N HIS A 133 8.05 19.02 -33.19
CA HIS A 133 7.08 18.67 -32.16
C HIS A 133 6.57 19.95 -31.51
N THR A 134 5.43 19.83 -30.85
CA THR A 134 4.87 20.92 -30.06
C THR A 134 4.14 20.30 -28.88
N PHE A 135 3.62 21.14 -27.98
CA PHE A 135 2.70 20.62 -26.98
C PHE A 135 1.69 21.69 -26.63
N ILE A 136 0.57 21.24 -26.08
CA ILE A 136 -0.51 22.11 -25.64
C ILE A 136 -0.91 21.71 -24.22
N SER A 137 -1.34 22.70 -23.46
CA SER A 137 -1.80 22.49 -22.09
C SER A 137 -3.32 22.61 -22.07
N ILE A 138 -3.98 21.64 -21.44
CA ILE A 138 -5.43 21.56 -21.44
C ILE A 138 -5.91 21.55 -19.99
N PRO A 139 -6.08 22.71 -19.35
CA PRO A 139 -6.58 22.72 -17.97
C PRO A 139 -7.98 22.11 -17.88
N LEU A 140 -8.22 21.42 -16.77
CA LEU A 140 -9.47 20.71 -16.54
C LEU A 140 -10.26 21.37 -15.41
N GLN A 141 -11.58 21.34 -15.53
CA GLN A 141 -12.44 21.86 -14.48
C GLN A 141 -12.40 20.95 -13.26
N GLY A 142 -12.80 21.52 -12.12
CA GLY A 142 -12.84 20.77 -10.89
C GLY A 142 -12.09 21.46 -9.77
N ASP A 143 -12.74 21.58 -8.61
CA ASP A 143 -12.12 22.21 -7.44
C ASP A 143 -11.38 21.21 -6.56
N ASP A 144 -11.35 19.94 -6.94
CA ASP A 144 -10.63 18.91 -6.21
C ASP A 144 -9.80 18.07 -7.18
N ASP A 145 -8.69 17.53 -6.68
CA ASP A 145 -7.83 16.73 -7.53
C ASP A 145 -8.55 15.48 -8.03
N ASP A 146 -9.33 14.84 -7.15
CA ASP A 146 -10.05 13.62 -7.55
C ASP A 146 -11.06 13.92 -8.65
N GLU A 147 -11.80 15.02 -8.53
CA GLU A 147 -12.77 15.36 -9.56
C GLU A 147 -12.09 15.71 -10.88
N ILE A 148 -10.93 16.36 -10.81
CA ILE A 148 -10.17 16.65 -12.02
C ILE A 148 -9.71 15.37 -12.68
N LEU A 149 -9.26 14.39 -11.87
CA LEU A 149 -8.85 13.10 -12.41
C LEU A 149 -10.03 12.41 -13.08
N LYS A 150 -11.22 12.46 -12.45
CA LYS A 150 -12.39 11.86 -13.06
C LYS A 150 -12.74 12.54 -14.38
N ASN A 151 -12.63 13.87 -14.43
CA ASN A 151 -12.88 14.59 -15.68
C ASN A 151 -11.89 14.15 -16.75
N TYR A 152 -10.61 14.02 -16.39
CA TYR A 152 -9.62 13.59 -17.36
C TYR A 152 -9.93 12.18 -17.86
N GLN A 153 -10.32 11.27 -16.96
CA GLN A 153 -10.64 9.92 -17.38
C GLN A 153 -11.85 9.92 -18.31
N VAL A 154 -12.83 10.78 -18.04
CA VAL A 154 -14.01 10.88 -18.89
C VAL A 154 -13.63 11.36 -20.29
N VAL A 155 -12.75 12.37 -20.36
CA VAL A 155 -12.45 12.99 -21.65
C VAL A 155 -11.28 12.34 -22.39
N GLU A 156 -10.57 11.41 -21.75
CA GLU A 156 -9.39 10.83 -22.38
C GLU A 156 -9.68 10.11 -23.68
N PRO A 157 -10.66 9.20 -23.76
CA PRO A 157 -10.81 8.42 -25.01
C PRO A 157 -11.01 9.27 -26.24
N GLU A 158 -11.72 10.39 -26.12
CA GLU A 158 -11.89 11.28 -27.26
C GLU A 158 -10.69 12.20 -27.47
N LEU A 159 -9.87 12.40 -26.43
CA LEU A 159 -8.69 13.25 -26.57
C LEU A 159 -7.56 12.54 -27.31
N GLN A 160 -7.40 11.24 -27.08
CA GLN A 160 -6.33 10.49 -27.72
C GLN A 160 -6.49 10.41 -29.23
N GLN A 161 -7.71 10.60 -29.75
CA GLN A 161 -7.94 10.50 -31.18
C GLN A 161 -7.49 11.73 -31.96
N VAL A 162 -7.09 12.80 -31.28
CA VAL A 162 -6.67 14.01 -31.97
C VAL A 162 -5.40 13.72 -32.77
N ASN A 163 -5.19 14.51 -33.83
CA ASN A 163 -4.01 14.39 -34.68
C ASN A 163 -3.89 12.98 -35.26
N GLY A 164 -5.01 12.30 -35.45
CA GLY A 164 -4.99 10.94 -35.95
C GLY A 164 -4.29 9.98 -35.03
N GLY A 165 -4.35 10.20 -33.72
CA GLY A 165 -3.72 9.32 -32.75
C GLY A 165 -2.27 9.62 -32.48
N ASP A 166 -1.66 10.57 -33.18
CA ASP A 166 -0.27 10.95 -32.96
C ASP A 166 -0.17 12.03 -31.89
N ILE A 167 -0.76 11.75 -30.73
CA ILE A 167 -0.78 12.68 -29.60
C ILE A 167 -0.29 11.93 -28.36
N ARG A 168 0.60 12.55 -27.62
CA ARG A 168 1.18 11.94 -26.41
C ARG A 168 0.67 12.70 -25.19
N LEU A 169 -0.19 12.07 -24.42
CA LEU A 169 -0.75 12.69 -23.22
C LEU A 169 0.16 12.40 -22.03
N ALA A 170 0.59 13.45 -21.34
CA ALA A 170 1.48 13.31 -20.20
C ALA A 170 1.16 14.41 -19.20
N GLY A 171 1.98 14.52 -18.16
CA GLY A 171 1.78 15.52 -17.14
C GLY A 171 1.33 14.92 -15.82
N LEU A 172 0.39 15.58 -15.15
CA LEU A 172 -0.13 15.12 -13.87
C LEU A 172 -1.31 14.17 -14.02
N ASN A 173 -2.34 14.58 -14.77
CA ASN A 173 -3.54 13.76 -14.85
C ASN A 173 -3.30 12.40 -15.48
N PRO A 174 -2.61 12.29 -16.63
CA PRO A 174 -2.34 10.95 -17.17
C PRO A 174 -1.56 10.07 -16.21
N LEU A 175 -0.58 10.63 -15.52
CA LEU A 175 0.20 9.85 -14.57
C LEU A 175 -0.68 9.32 -13.44
N ALA A 176 -1.55 10.18 -12.90
CA ALA A 176 -2.44 9.74 -11.83
C ALA A 176 -3.43 8.70 -12.33
N SER A 177 -3.94 8.88 -13.56
CA SER A 177 -4.88 7.91 -14.10
C SER A 177 -4.25 6.55 -14.24
N GLU A 178 -3.00 6.50 -14.76
CA GLU A 178 -2.34 5.19 -14.88
C GLU A 178 -1.94 4.63 -13.52
N LEU A 179 -1.57 5.49 -12.56
CA LEU A 179 -1.26 5.00 -11.23
C LEU A 179 -2.47 4.33 -10.60
N THR A 180 -3.66 4.92 -10.78
CA THR A 180 -4.88 4.29 -10.29
C THR A 180 -5.21 3.03 -11.09
N GLY A 181 -4.97 3.06 -12.41
CA GLY A 181 -5.28 1.91 -13.23
C GLY A 181 -4.41 0.70 -12.93
N THR A 182 -3.19 0.93 -12.45
CA THR A 182 -2.37 -0.19 -12.01
C THR A 182 -3.02 -0.96 -10.88
N ILE A 183 -3.83 -0.27 -10.05
CA ILE A 183 -4.55 -0.96 -9.00
C ILE A 183 -5.53 -1.96 -9.59
N GLY A 184 -6.31 -1.53 -10.58
CA GLY A 184 -7.22 -2.44 -11.23
C GLY A 184 -6.50 -3.57 -11.94
N GLU A 185 -5.38 -3.25 -12.60
CA GLU A 185 -4.60 -4.28 -13.27
C GLU A 185 -4.12 -5.32 -12.27
N ASP A 186 -3.63 -4.87 -11.10
CA ASP A 186 -3.17 -5.79 -10.07
C ASP A 186 -4.31 -6.64 -9.54
N GLN A 187 -5.48 -6.03 -9.31
CA GLN A 187 -6.63 -6.80 -8.82
C GLN A 187 -7.05 -7.87 -9.82
N LYS A 188 -7.10 -7.52 -11.11
CA LYS A 188 -7.45 -8.51 -12.12
C LYS A 188 -6.39 -9.61 -12.21
N ARG A 189 -5.11 -9.23 -12.15
CA ARG A 189 -4.05 -10.23 -12.18
C ARG A 189 -4.18 -11.19 -11.00
N ALA A 190 -4.47 -10.67 -9.81
CA ALA A 190 -4.71 -11.54 -8.67
C ALA A 190 -5.89 -12.45 -8.94
N GLU A 191 -7.03 -11.89 -9.33
CA GLU A 191 -8.23 -12.69 -9.55
C GLU A 191 -7.96 -13.81 -10.56
N VAL A 192 -7.08 -13.57 -11.53
CA VAL A 192 -6.86 -14.56 -12.57
C VAL A 192 -5.82 -15.60 -12.13
N ALA A 193 -4.77 -15.19 -11.42
CA ALA A 193 -3.62 -16.06 -11.18
C ALA A 193 -3.54 -16.62 -9.77
N ALA A 194 -3.85 -15.83 -8.74
CA ALA A 194 -3.65 -16.30 -7.37
C ALA A 194 -4.65 -17.38 -7.00
N ILE A 195 -5.93 -17.15 -7.27
CA ILE A 195 -6.97 -18.08 -6.81
C ILE A 195 -6.72 -19.50 -7.31
N PRO A 196 -6.41 -19.75 -8.58
CA PRO A 196 -6.08 -21.13 -8.97
C PRO A 196 -4.89 -21.69 -8.20
N LEU A 197 -3.87 -20.88 -7.94
CA LEU A 197 -2.68 -21.38 -7.26
C LEU A 197 -2.93 -21.60 -5.77
N VAL A 198 -3.66 -20.68 -5.11
CA VAL A 198 -4.01 -20.92 -3.71
C VAL A 198 -4.94 -22.12 -3.60
N ALA A 199 -5.82 -22.31 -4.59
CA ALA A 199 -6.67 -23.49 -4.61
C ALA A 199 -5.85 -24.76 -4.74
N VAL A 200 -4.81 -24.73 -5.58
CA VAL A 200 -3.92 -25.89 -5.70
C VAL A 200 -3.21 -26.16 -4.39
N VAL A 201 -2.74 -25.09 -3.72
CA VAL A 201 -2.08 -25.26 -2.44
C VAL A 201 -3.02 -25.89 -1.43
N LEU A 202 -4.27 -25.40 -1.37
CA LEU A 202 -5.25 -25.97 -0.45
C LEU A 202 -5.53 -27.43 -0.78
N PHE A 203 -5.63 -27.76 -2.08
CA PHE A 203 -5.76 -29.15 -2.48
C PHE A 203 -4.62 -29.99 -1.94
N PHE A 204 -3.40 -29.46 -2.01
CA PHE A 204 -2.26 -30.18 -1.44
C PHE A 204 -2.43 -30.36 0.06
N VAL A 205 -2.87 -29.32 0.77
CA VAL A 205 -3.07 -29.43 2.21
C VAL A 205 -4.23 -30.38 2.50
N PHE A 206 -5.36 -30.19 1.83
CA PHE A 206 -6.53 -31.06 1.97
C PHE A 206 -6.85 -31.65 0.61
N GLY A 207 -6.90 -32.98 0.53
CA GLY A 207 -6.98 -33.64 -0.76
C GLY A 207 -8.38 -33.78 -1.32
N THR A 208 -8.72 -32.93 -2.28
CA THR A 208 -9.96 -33.03 -3.05
C THR A 208 -11.17 -33.22 -2.12
N VAL A 209 -11.29 -32.33 -1.14
CA VAL A 209 -12.41 -32.34 -0.21
C VAL A 209 -12.94 -30.92 -0.08
N ILE A 210 -14.19 -30.84 0.40
CA ILE A 210 -14.79 -29.52 0.62
C ILE A 210 -14.00 -28.73 1.64
N ALA A 211 -13.28 -29.42 2.54
CA ALA A 211 -12.41 -28.72 3.48
C ALA A 211 -11.34 -27.92 2.74
N ALA A 212 -10.96 -28.36 1.53
CA ALA A 212 -9.99 -27.63 0.74
C ALA A 212 -10.55 -26.32 0.20
N ALA A 213 -11.88 -26.17 0.19
CA ALA A 213 -12.52 -24.97 -0.35
C ALA A 213 -13.09 -24.06 0.72
N LEU A 214 -13.43 -24.59 1.90
CA LEU A 214 -14.01 -23.75 2.94
C LEU A 214 -13.11 -22.58 3.31
N PRO A 215 -11.81 -22.75 3.52
CA PRO A 215 -10.97 -21.57 3.81
C PRO A 215 -11.05 -20.50 2.74
N ALA A 216 -10.79 -20.87 1.47
CA ALA A 216 -10.79 -19.88 0.41
C ALA A 216 -12.10 -19.11 0.38
N ILE A 217 -13.23 -19.82 0.43
CA ILE A 217 -14.53 -19.16 0.50
C ILE A 217 -14.50 -18.05 1.54
N ILE A 218 -14.12 -18.40 2.78
CA ILE A 218 -14.08 -17.41 3.84
C ILE A 218 -13.22 -16.22 3.42
N GLY A 219 -12.03 -16.52 2.91
CA GLY A 219 -11.18 -15.48 2.36
C GLY A 219 -11.99 -14.53 1.52
N GLY A 220 -12.60 -15.06 0.45
CA GLY A 220 -13.46 -14.26 -0.39
C GLY A 220 -14.41 -13.42 0.45
N LEU A 221 -15.25 -14.09 1.24
CA LEU A 221 -16.23 -13.37 2.04
C LEU A 221 -15.54 -12.23 2.79
N ALA A 222 -14.44 -12.55 3.48
CA ALA A 222 -13.73 -11.52 4.24
C ALA A 222 -13.55 -10.28 3.38
N ILE A 223 -12.79 -10.41 2.29
CA ILE A 223 -12.49 -9.23 1.49
C ILE A 223 -13.78 -8.58 1.01
N ALA A 224 -14.74 -9.38 0.56
CA ALA A 224 -16.03 -8.84 0.18
C ALA A 224 -16.56 -7.93 1.28
N GLY A 225 -16.77 -8.50 2.46
CA GLY A 225 -17.26 -7.70 3.57
C GLY A 225 -16.32 -6.54 3.85
N ALA A 226 -15.02 -6.80 3.83
CA ALA A 226 -14.05 -5.74 4.08
C ALA A 226 -14.31 -4.57 3.14
N LEU A 227 -14.48 -4.85 1.84
CA LEU A 227 -14.72 -3.78 0.90
C LEU A 227 -15.92 -2.96 1.34
N GLY A 228 -17.01 -3.62 1.72
CA GLY A 228 -18.18 -2.89 2.19
C GLY A 228 -17.83 -1.94 3.30
N ILE A 229 -17.10 -2.42 4.31
CA ILE A 229 -16.71 -1.57 5.42
C ILE A 229 -15.97 -0.36 4.89
N MET A 230 -15.00 -0.58 4.00
CA MET A 230 -14.26 0.54 3.44
C MET A 230 -15.20 1.51 2.72
N ARG A 231 -16.14 0.97 1.93
CA ARG A 231 -17.14 1.82 1.31
C ARG A 231 -17.85 2.64 2.38
N LEU A 232 -18.27 1.99 3.46
CA LEU A 232 -18.88 2.72 4.56
C LEU A 232 -17.92 3.76 5.12
N VAL A 233 -16.65 3.38 5.31
CA VAL A 233 -15.67 4.33 5.81
C VAL A 233 -15.49 5.48 4.83
N ALA A 234 -15.70 5.23 3.54
CA ALA A 234 -15.58 6.30 2.56
C ALA A 234 -16.66 7.37 2.76
N GLU A 235 -17.76 7.03 3.43
CA GLU A 235 -18.80 8.00 3.71
C GLU A 235 -18.52 8.84 4.95
N PHE A 236 -17.55 8.45 5.77
CA PHE A 236 -17.19 9.19 6.97
C PHE A 236 -15.91 9.99 6.80
N THR A 237 -14.83 9.34 6.37
CA THR A 237 -13.56 9.98 6.13
C THR A 237 -13.01 9.57 4.77
N PRO A 238 -12.20 10.42 4.14
CA PRO A 238 -11.63 10.04 2.84
C PRO A 238 -10.70 8.85 2.97
N VAL A 239 -10.63 8.06 1.91
CA VAL A 239 -9.77 6.89 1.86
C VAL A 239 -8.94 6.94 0.59
N HIS A 240 -7.79 6.27 0.63
CA HIS A 240 -6.83 6.30 -0.46
C HIS A 240 -6.97 5.04 -1.32
N PHE A 241 -6.50 5.14 -2.57
CA PHE A 241 -6.69 4.06 -3.54
C PHE A 241 -5.82 2.84 -3.26
N PHE A 242 -5.04 2.84 -2.18
CA PHE A 242 -4.34 1.63 -1.75
C PHE A 242 -5.16 0.77 -0.81
N ALA A 243 -6.33 1.25 -0.38
CA ALA A 243 -7.17 0.43 0.49
C ALA A 243 -7.63 -0.84 -0.21
N GLN A 244 -8.01 -0.73 -1.49
CA GLN A 244 -8.45 -1.92 -2.22
C GLN A 244 -7.34 -2.94 -2.38
N PRO A 245 -6.15 -2.60 -2.88
CA PRO A 245 -5.06 -3.59 -2.90
C PRO A 245 -4.70 -4.12 -1.53
N VAL A 246 -4.68 -3.26 -0.51
CA VAL A 246 -4.31 -3.73 0.82
C VAL A 246 -5.31 -4.76 1.30
N VAL A 247 -6.60 -4.50 1.13
CA VAL A 247 -7.60 -5.51 1.46
C VAL A 247 -7.34 -6.78 0.66
N THR A 248 -7.41 -6.69 -0.67
CA THR A 248 -7.35 -7.88 -1.51
C THR A 248 -6.09 -8.70 -1.26
N LEU A 249 -5.02 -8.09 -0.76
CA LEU A 249 -3.79 -8.83 -0.50
C LEU A 249 -3.75 -9.33 0.94
N ILE A 250 -3.68 -8.41 1.91
CA ILE A 250 -3.48 -8.80 3.30
C ILE A 250 -4.71 -9.54 3.83
N GLY A 251 -5.90 -8.97 3.65
CA GLY A 251 -7.09 -9.60 4.18
C GLY A 251 -7.32 -10.97 3.56
N LEU A 252 -7.15 -11.06 2.24
CA LEU A 252 -7.31 -12.35 1.56
C LEU A 252 -6.34 -13.37 2.13
N GLY A 253 -5.05 -13.04 2.19
CA GLY A 253 -4.08 -14.01 2.66
C GLY A 253 -4.33 -14.44 4.10
N ILE A 254 -4.53 -13.48 4.99
CA ILE A 254 -4.69 -13.80 6.40
C ILE A 254 -6.01 -14.51 6.65
N ALA A 255 -7.06 -14.16 5.91
CA ALA A 255 -8.33 -14.85 6.06
C ALA A 255 -8.21 -16.30 5.63
N ILE A 256 -7.53 -16.55 4.51
CA ILE A 256 -7.32 -17.94 4.09
C ILE A 256 -6.45 -18.67 5.10
N ASP A 257 -5.47 -17.99 5.68
CA ASP A 257 -4.63 -18.62 6.71
C ASP A 257 -5.46 -19.00 7.93
N TYR A 258 -6.32 -18.09 8.40
CA TYR A 258 -7.15 -18.37 9.56
C TYR A 258 -8.11 -19.51 9.25
N GLY A 259 -8.72 -19.50 8.08
CA GLY A 259 -9.60 -20.59 7.70
C GLY A 259 -8.87 -21.92 7.64
N LEU A 260 -7.65 -21.90 7.09
CA LEU A 260 -6.84 -23.11 7.04
C LEU A 260 -6.56 -23.64 8.44
N PHE A 261 -6.20 -22.76 9.36
CA PHE A 261 -5.91 -23.19 10.72
C PHE A 261 -7.16 -23.75 11.40
N ILE A 262 -8.30 -23.08 11.25
CA ILE A 262 -9.52 -23.54 11.89
C ILE A 262 -9.93 -24.90 11.33
N VAL A 263 -9.89 -25.04 10.01
CA VAL A 263 -10.29 -26.30 9.39
C VAL A 263 -9.33 -27.42 9.78
N SER A 264 -8.04 -27.13 9.82
CA SER A 264 -7.06 -28.14 10.21
C SER A 264 -7.28 -28.58 11.66
N ARG A 265 -7.55 -27.63 12.56
CA ARG A 265 -7.81 -27.99 13.95
C ARG A 265 -9.09 -28.82 14.07
N PHE A 266 -10.13 -28.44 13.33
CA PHE A 266 -11.36 -29.22 13.37
C PHE A 266 -11.15 -30.64 12.86
N ARG A 267 -10.40 -30.78 11.76
CA ARG A 267 -10.11 -32.11 11.23
C ARG A 267 -9.28 -32.92 12.21
N GLU A 268 -8.31 -32.29 12.88
CA GLU A 268 -7.52 -32.98 13.89
C GLU A 268 -8.41 -33.46 15.03
N GLU A 269 -9.33 -32.61 15.49
CA GLU A 269 -10.23 -33.01 16.56
C GLU A 269 -11.12 -34.17 16.13
N ILE A 270 -11.63 -34.12 14.91
CA ILE A 270 -12.48 -35.20 14.41
C ILE A 270 -11.68 -36.50 14.35
N ALA A 271 -10.46 -36.44 13.83
CA ALA A 271 -9.63 -37.64 13.74
C ALA A 271 -9.33 -38.21 15.12
N GLU A 272 -9.00 -37.34 16.08
CA GLU A 272 -8.73 -37.80 17.43
C GLU A 272 -9.94 -38.49 18.06
N GLY A 273 -11.15 -38.20 17.57
CA GLY A 273 -12.36 -38.79 18.08
C GLY A 273 -13.11 -37.86 19.01
N TYR A 274 -14.14 -37.20 18.48
CA TYR A 274 -14.92 -36.24 19.25
C TYR A 274 -16.20 -35.96 18.48
N ASP A 275 -17.27 -35.70 19.22
CA ASP A 275 -18.53 -35.31 18.60
C ASP A 275 -18.37 -33.96 17.91
N THR A 276 -19.18 -33.74 16.87
CA THR A 276 -19.09 -32.50 16.11
C THR A 276 -19.21 -31.29 17.02
N GLU A 277 -20.11 -31.36 18.00
CA GLU A 277 -20.24 -30.26 18.97
C GLU A 277 -18.95 -30.09 19.76
N ALA A 278 -18.41 -31.20 20.29
CA ALA A 278 -17.15 -31.12 21.02
C ALA A 278 -16.02 -30.66 20.11
N ALA A 279 -16.02 -31.12 18.85
CA ALA A 279 -14.98 -30.70 17.92
C ALA A 279 -15.00 -29.20 17.69
N VAL A 280 -16.19 -28.64 17.44
CA VAL A 280 -16.26 -27.20 17.21
C VAL A 280 -15.91 -26.42 18.47
N ARG A 281 -16.37 -26.90 19.62
CA ARG A 281 -16.04 -26.23 20.88
C ARG A 281 -14.53 -26.21 21.12
N ARG A 282 -13.86 -27.33 20.86
CA ARG A 282 -12.43 -27.39 21.12
C ARG A 282 -11.64 -26.61 20.08
N THR A 283 -12.08 -26.58 18.83
CA THR A 283 -11.36 -25.82 17.82
C THR A 283 -11.62 -24.32 17.92
N VAL A 284 -12.70 -23.89 18.56
CA VAL A 284 -12.90 -22.46 18.80
C VAL A 284 -12.27 -22.04 20.12
N MET A 285 -12.15 -22.94 21.10
CA MET A 285 -11.45 -22.59 22.32
C MET A 285 -9.95 -22.57 22.12
N THR A 286 -9.41 -23.51 21.33
CA THR A 286 -7.97 -23.64 21.16
C THR A 286 -7.48 -22.87 19.93
N SER A 287 -7.97 -23.24 18.75
CA SER A 287 -7.53 -22.58 17.53
C SER A 287 -8.27 -21.28 17.29
N GLY A 288 -9.56 -21.22 17.65
CA GLY A 288 -10.29 -19.98 17.51
C GLY A 288 -9.72 -18.87 18.38
N ARG A 289 -9.34 -19.21 19.61
CA ARG A 289 -8.72 -18.22 20.48
C ARG A 289 -7.41 -17.73 19.88
N THR A 290 -6.61 -18.63 19.34
CA THR A 290 -5.36 -18.23 18.71
C THR A 290 -5.60 -17.31 17.52
N VAL A 291 -6.62 -17.62 16.71
CA VAL A 291 -6.93 -16.77 15.56
C VAL A 291 -7.37 -15.39 16.02
N VAL A 292 -8.23 -15.33 17.05
CA VAL A 292 -8.69 -14.04 17.54
C VAL A 292 -7.54 -13.24 18.10
N PHE A 293 -6.65 -13.88 18.87
CA PHE A 293 -5.51 -13.17 19.43
C PHE A 293 -4.56 -12.69 18.34
N SER A 294 -4.37 -13.49 17.29
CA SER A 294 -3.54 -13.06 16.18
C SER A 294 -4.14 -11.85 15.47
N ALA A 295 -5.46 -11.87 15.27
CA ALA A 295 -6.13 -10.72 14.66
C ALA A 295 -6.00 -9.48 15.54
N VAL A 296 -6.14 -9.65 16.85
CA VAL A 296 -5.99 -8.51 17.77
C VAL A 296 -4.55 -8.00 17.73
N ILE A 297 -3.58 -8.90 17.59
CA ILE A 297 -2.19 -8.49 17.48
C ILE A 297 -1.97 -7.68 16.21
N ILE A 298 -2.55 -8.12 15.10
CA ILE A 298 -2.44 -7.35 13.86
C ILE A 298 -3.10 -5.97 14.04
N VAL A 299 -4.25 -5.93 14.70
CA VAL A 299 -4.93 -4.65 14.90
C VAL A 299 -4.08 -3.72 15.75
N ALA A 300 -3.47 -4.26 16.82
CA ALA A 300 -2.64 -3.44 17.70
C ALA A 300 -1.35 -3.02 17.03
N SER A 301 -0.85 -3.83 16.08
CA SER A 301 0.36 -3.48 15.35
C SER A 301 0.08 -2.53 14.19
N SER A 302 -1.17 -2.42 13.76
CA SER A 302 -1.54 -1.52 12.68
C SER A 302 -2.11 -0.19 13.16
N VAL A 303 -2.76 -0.17 14.32
CA VAL A 303 -3.28 1.10 14.85
C VAL A 303 -2.19 2.14 15.04
N PRO A 304 -0.98 1.82 15.52
CA PRO A 304 0.02 2.88 15.70
C PRO A 304 0.32 3.64 14.43
N LEU A 305 -0.01 3.09 13.25
CA LEU A 305 0.09 3.85 12.02
C LEU A 305 -0.86 5.04 12.01
N LEU A 306 -1.94 4.98 12.79
CA LEU A 306 -2.89 6.09 12.84
C LEU A 306 -2.26 7.36 13.40
N LEU A 307 -1.16 7.25 14.13
CA LEU A 307 -0.50 8.43 14.67
C LEU A 307 0.01 9.33 13.54
N PHE A 308 0.50 8.73 12.47
CA PHE A 308 1.02 9.52 11.37
C PHE A 308 -0.10 10.35 10.75
N PRO A 309 0.15 11.62 10.43
CA PRO A 309 -0.91 12.45 9.81
C PRO A 309 -1.24 12.05 8.39
N GLN A 310 -0.42 11.24 7.73
CA GLN A 310 -0.68 10.86 6.35
C GLN A 310 -2.06 10.22 6.22
N GLY A 311 -2.84 10.69 5.25
CA GLY A 311 -4.13 10.06 4.98
C GLY A 311 -3.98 8.72 4.30
N PHE A 312 -2.89 8.53 3.54
CA PHE A 312 -2.62 7.24 2.93
C PHE A 312 -2.40 6.17 3.99
N LEU A 313 -1.57 6.48 5.00
CA LEU A 313 -1.34 5.53 6.08
C LEU A 313 -2.60 5.26 6.88
N LYS A 314 -3.39 6.30 7.14
CA LYS A 314 -4.64 6.10 7.87
C LYS A 314 -5.60 5.20 7.08
N SER A 315 -5.71 5.43 5.77
CA SER A 315 -6.59 4.62 4.95
C SER A 315 -6.13 3.16 4.94
N ILE A 316 -4.83 2.93 4.78
CA ILE A 316 -4.34 1.56 4.79
C ILE A 316 -4.52 0.93 6.16
N THR A 317 -4.38 1.71 7.23
CA THR A 317 -4.64 1.17 8.57
C THR A 317 -6.08 0.74 8.71
N TYR A 318 -7.01 1.57 8.22
CA TYR A 318 -8.42 1.18 8.25
C TYR A 318 -8.65 -0.09 7.45
N ALA A 319 -8.02 -0.18 6.27
CA ALA A 319 -8.18 -1.38 5.44
C ALA A 319 -7.68 -2.62 6.16
N ILE A 320 -6.48 -2.54 6.74
CA ILE A 320 -5.90 -3.69 7.43
C ILE A 320 -6.77 -4.08 8.62
N ILE A 321 -7.19 -3.09 9.41
CA ILE A 321 -7.99 -3.38 10.60
C ILE A 321 -9.30 -4.05 10.20
N ALA A 322 -10.00 -3.48 9.22
CA ALA A 322 -11.28 -4.03 8.80
C ALA A 322 -11.11 -5.44 8.26
N SER A 323 -10.14 -5.64 7.37
CA SER A 323 -9.95 -6.95 6.76
C SER A 323 -9.59 -7.99 7.82
N VAL A 324 -8.68 -7.66 8.74
CA VAL A 324 -8.24 -8.62 9.74
C VAL A 324 -9.39 -8.95 10.69
N MET A 325 -10.08 -7.92 11.19
CA MET A 325 -11.17 -8.17 12.13
C MET A 325 -12.28 -8.98 11.48
N LEU A 326 -12.63 -8.65 10.24
CA LEU A 326 -13.69 -9.40 9.57
C LEU A 326 -13.25 -10.83 9.28
N ALA A 327 -11.98 -11.03 8.91
CA ALA A 327 -11.49 -12.37 8.67
C ALA A 327 -11.55 -13.20 9.94
N ALA A 328 -11.14 -12.62 11.07
CA ALA A 328 -11.21 -13.35 12.34
C ALA A 328 -12.66 -13.65 12.72
N ILE A 329 -13.53 -12.66 12.59
CA ILE A 329 -14.94 -12.87 12.94
C ILE A 329 -15.53 -13.98 12.09
N LEU A 330 -15.25 -13.97 10.79
CA LEU A 330 -15.75 -15.03 9.92
C LEU A 330 -15.19 -16.38 10.33
N SER A 331 -13.86 -16.47 10.45
CA SER A 331 -13.22 -17.74 10.78
C SER A 331 -13.77 -18.32 12.07
N ILE A 332 -14.13 -17.48 13.04
CA ILE A 332 -14.65 -18.00 14.29
C ILE A 332 -16.12 -18.37 14.16
N THR A 333 -16.95 -17.47 13.63
CA THR A 333 -18.39 -17.70 13.62
C THR A 333 -18.82 -18.55 12.43
N VAL A 334 -18.67 -18.02 11.21
CA VAL A 334 -19.32 -18.64 10.06
C VAL A 334 -18.59 -19.91 9.66
N LEU A 335 -17.26 -19.91 9.68
CA LEU A 335 -16.51 -21.11 9.34
C LEU A 335 -16.78 -22.22 10.37
N ALA A 336 -16.78 -21.86 11.65
CA ALA A 336 -17.07 -22.86 12.68
C ALA A 336 -18.47 -23.41 12.54
N ALA A 337 -19.45 -22.56 12.24
CA ALA A 337 -20.81 -23.02 12.08
C ALA A 337 -20.95 -23.91 10.84
N ALA A 338 -20.25 -23.55 9.76
CA ALA A 338 -20.27 -24.38 8.56
C ALA A 338 -19.67 -25.76 8.85
N LEU A 339 -18.56 -25.79 9.59
CA LEU A 339 -17.98 -27.07 9.98
C LEU A 339 -18.94 -27.86 10.86
N ALA A 340 -19.64 -27.18 11.77
CA ALA A 340 -20.61 -27.87 12.61
C ALA A 340 -21.72 -28.49 11.77
N ILE A 341 -22.23 -27.74 10.78
CA ILE A 341 -23.28 -28.26 9.92
C ILE A 341 -22.77 -29.45 9.12
N LEU A 342 -21.57 -29.32 8.55
CA LEU A 342 -21.01 -30.39 7.73
C LEU A 342 -20.80 -31.66 8.54
N GLY A 343 -20.23 -31.53 9.74
CA GLY A 343 -19.96 -32.67 10.57
C GLY A 343 -18.75 -33.46 10.10
N PRO A 344 -18.68 -34.74 10.48
CA PRO A 344 -17.51 -35.54 10.08
C PRO A 344 -17.33 -35.67 8.58
N ARG A 345 -18.39 -35.51 7.79
CA ARG A 345 -18.28 -35.62 6.33
C ARG A 345 -17.65 -34.40 5.69
N VAL A 346 -17.08 -33.48 6.47
CA VAL A 346 -16.39 -32.34 5.89
C VAL A 346 -15.19 -32.80 5.08
N ASP A 347 -14.47 -33.81 5.57
CA ASP A 347 -13.31 -34.35 4.88
C ASP A 347 -13.66 -35.58 4.04
N ALA A 348 -14.94 -35.94 3.96
CA ALA A 348 -15.38 -37.10 3.18
C ALA A 348 -15.92 -36.69 1.82
N LEU A 349 -16.94 -35.84 1.81
CA LEU A 349 -17.52 -35.38 0.55
C LEU A 349 -16.58 -34.40 -0.14
N GLY A 350 -16.80 -34.23 -1.44
CA GLY A 350 -15.94 -33.37 -2.24
C GLY A 350 -16.59 -32.06 -2.63
N VAL A 351 -16.90 -31.92 -3.93
CA VAL A 351 -17.42 -30.68 -4.46
C VAL A 351 -18.95 -30.73 -4.59
N THR A 352 -19.60 -31.66 -3.89
CA THR A 352 -21.03 -31.86 -4.05
C THR A 352 -21.81 -30.62 -3.64
N THR A 353 -21.76 -30.26 -2.36
CA THR A 353 -22.53 -29.10 -1.89
C THR A 353 -22.07 -27.83 -2.55
N LEU A 354 -20.80 -27.76 -2.96
CA LEU A 354 -20.31 -26.57 -3.64
C LEU A 354 -21.04 -26.36 -4.97
N LEU A 355 -21.27 -27.43 -5.71
CA LEU A 355 -21.94 -27.33 -7.01
C LEU A 355 -23.44 -27.43 -6.93
N LYS A 356 -24.01 -27.81 -5.77
CA LYS A 356 -25.46 -27.83 -5.63
C LYS A 356 -26.07 -26.48 -6.05
N ILE A 357 -25.68 -25.40 -5.38
CA ILE A 357 -26.27 -24.09 -5.66
C ILE A 357 -25.35 -23.00 -5.12
N PRO A 358 -24.31 -22.61 -5.85
CA PRO A 358 -23.44 -21.51 -5.42
C PRO A 358 -24.06 -20.16 -5.76
N PHE A 359 -23.40 -19.10 -5.30
CA PHE A 359 -23.84 -17.74 -5.52
C PHE A 359 -23.14 -17.19 -6.76
N LEU A 360 -23.90 -16.98 -7.83
CA LEU A 360 -23.32 -16.57 -9.10
C LEU A 360 -22.65 -15.21 -8.98
N ALA A 361 -21.53 -15.05 -9.69
CA ALA A 361 -20.79 -13.79 -9.76
C ALA A 361 -20.34 -13.34 -8.36
N ASN A 362 -19.49 -14.17 -7.76
CA ASN A 362 -18.94 -13.87 -6.44
C ASN A 362 -17.61 -14.62 -6.29
N TRP A 363 -16.52 -13.87 -6.10
CA TRP A 363 -15.20 -14.40 -5.84
C TRP A 363 -14.67 -15.26 -6.99
N GLN A 364 -15.40 -15.34 -8.11
CA GLN A 364 -15.08 -16.29 -9.16
C GLN A 364 -15.01 -17.71 -8.61
N PHE A 365 -15.98 -18.05 -7.75
CA PHE A 365 -16.14 -19.41 -7.23
C PHE A 365 -16.01 -20.41 -8.37
N SER A 366 -16.44 -20.00 -9.57
CA SER A 366 -16.23 -20.79 -10.76
C SER A 366 -14.76 -21.19 -10.88
N ARG A 367 -13.87 -20.26 -10.59
CA ARG A 367 -12.44 -20.53 -10.63
C ARG A 367 -12.09 -21.77 -9.81
N ARG A 368 -12.42 -21.74 -8.52
CA ARG A 368 -12.04 -22.84 -7.64
C ARG A 368 -12.75 -24.13 -8.00
N ILE A 369 -14.03 -24.06 -8.34
CA ILE A 369 -14.76 -25.30 -8.61
C ILE A 369 -14.25 -25.96 -9.88
N ILE A 370 -13.96 -25.18 -10.92
CA ILE A 370 -13.39 -25.78 -12.12
C ILE A 370 -11.94 -26.21 -11.88
N ASP A 371 -11.26 -25.57 -10.93
CA ASP A 371 -9.92 -26.02 -10.57
C ASP A 371 -9.97 -27.41 -9.94
N TRP A 372 -10.92 -27.63 -9.03
CA TRP A 372 -11.10 -28.99 -8.50
C TRP A 372 -11.57 -29.95 -9.59
N PHE A 373 -12.39 -29.47 -10.52
CA PHE A 373 -12.80 -30.31 -11.64
C PHE A 373 -11.59 -30.79 -12.44
N ALA A 374 -10.65 -29.88 -12.72
CA ALA A 374 -9.44 -30.26 -13.44
C ALA A 374 -8.63 -31.26 -12.63
N GLU A 375 -8.48 -31.01 -11.34
CA GLU A 375 -7.73 -31.91 -10.45
C GLU A 375 -8.71 -32.90 -9.84
N LYS A 376 -9.10 -33.88 -10.64
CA LYS A 376 -10.03 -34.92 -10.20
C LYS A 376 -9.48 -35.67 -9.00
N GLU A 385 1.39 -37.42 7.63
CA GLU A 385 2.12 -38.10 8.70
C GLU A 385 3.62 -38.00 8.46
N VAL A 386 4.02 -38.10 7.19
CA VAL A 386 5.44 -37.97 6.85
C VAL A 386 5.96 -36.59 7.23
N GLU A 387 5.12 -35.55 7.04
CA GLU A 387 5.52 -34.21 7.41
C GLU A 387 5.79 -34.10 8.91
N ARG A 388 4.95 -34.73 9.72
CA ARG A 388 5.16 -34.68 11.17
C ARG A 388 6.50 -35.29 11.55
N GLY A 389 6.82 -36.45 10.99
CA GLY A 389 8.10 -37.08 11.30
C GLY A 389 9.28 -36.26 10.80
N PHE A 390 9.16 -35.71 9.59
CA PHE A 390 10.21 -34.85 9.06
C PHE A 390 10.46 -33.67 9.98
N TRP A 391 9.39 -32.99 10.39
CA TRP A 391 9.53 -31.84 11.27
C TRP A 391 10.13 -32.24 12.61
N GLY A 392 9.68 -33.36 13.16
CA GLY A 392 10.22 -33.82 14.44
C GLY A 392 11.71 -34.09 14.38
N ARG A 393 12.15 -34.81 13.34
CA ARG A 393 13.57 -35.09 13.20
C ARG A 393 14.36 -33.82 12.96
N LEU A 394 13.84 -32.90 12.14
CA LEU A 394 14.56 -31.67 11.86
C LEU A 394 14.74 -30.84 13.12
N VAL A 395 13.67 -30.69 13.90
CA VAL A 395 13.78 -29.88 15.12
C VAL A 395 14.64 -30.60 16.16
N ASN A 396 14.60 -31.93 16.20
CA ASN A 396 15.47 -32.66 17.11
C ASN A 396 16.94 -32.40 16.76
N VAL A 397 17.27 -32.44 15.46
CA VAL A 397 18.63 -32.15 15.05
C VAL A 397 19.00 -30.71 15.40
N VAL A 398 18.08 -29.77 15.17
CA VAL A 398 18.36 -28.37 15.48
C VAL A 398 18.65 -28.20 16.96
N MET A 399 17.81 -28.79 17.82
CA MET A 399 18.01 -28.72 19.26
C MET A 399 19.26 -29.47 19.70
N LYS A 400 19.72 -30.45 18.92
CA LYS A 400 20.93 -31.18 19.31
C LYS A 400 22.14 -30.25 19.33
N ARG A 401 22.21 -29.31 18.40
CA ARG A 401 23.27 -28.29 18.35
C ARG A 401 22.58 -26.93 18.22
N PRO A 402 22.05 -26.39 19.32
CA PRO A 402 21.27 -25.14 19.23
C PRO A 402 22.13 -23.94 18.86
N ILE A 403 23.27 -23.79 19.54
CA ILE A 403 24.14 -22.64 19.29
C ILE A 403 24.69 -22.69 17.87
N ALA A 404 25.08 -23.87 17.40
CA ALA A 404 25.69 -23.98 16.07
C ALA A 404 24.71 -23.56 14.98
N PHE A 405 23.40 -23.65 15.24
CA PHE A 405 22.40 -23.23 14.28
C PHE A 405 21.95 -21.79 14.50
N ALA A 406 21.95 -21.32 15.75
CA ALA A 406 21.51 -19.96 16.03
C ALA A 406 22.56 -18.94 15.61
N ALA A 407 23.83 -19.20 15.89
CA ALA A 407 24.88 -18.23 15.60
C ALA A 407 24.97 -17.91 14.11
N PRO A 408 25.08 -18.87 13.19
CA PRO A 408 25.15 -18.49 11.77
C PRO A 408 23.92 -17.74 11.30
N ILE A 409 22.73 -18.12 11.77
CA ILE A 409 21.52 -17.41 11.39
C ILE A 409 21.56 -15.98 11.92
N LEU A 410 21.94 -15.81 13.19
CA LEU A 410 22.00 -14.47 13.76
C LEU A 410 22.96 -13.58 12.98
N VAL A 411 24.15 -14.11 12.66
CA VAL A 411 25.15 -13.29 12.00
C VAL A 411 24.72 -12.96 10.57
N VAL A 412 24.12 -13.92 9.86
CA VAL A 412 23.70 -13.63 8.49
C VAL A 412 22.58 -12.60 8.47
N MET A 413 21.62 -12.73 9.41
CA MET A 413 20.55 -11.72 9.46
C MET A 413 21.10 -10.35 9.83
N VAL A 414 22.04 -10.28 10.76
CA VAL A 414 22.66 -9.00 11.09
C VAL A 414 23.36 -8.42 9.86
N LEU A 415 24.01 -9.29 9.08
CA LEU A 415 24.66 -8.83 7.86
C LEU A 415 23.64 -8.27 6.86
N LEU A 416 22.47 -8.91 6.78
CA LEU A 416 21.46 -8.47 5.83
C LEU A 416 20.93 -7.08 6.15
N ILE A 417 21.17 -6.59 7.37
CA ILE A 417 20.67 -5.28 7.78
C ILE A 417 21.58 -4.15 7.32
N ILE A 418 22.78 -4.46 6.83
CA ILE A 418 23.75 -3.41 6.47
C ILE A 418 23.18 -2.45 5.43
N PRO A 419 22.65 -2.91 4.29
CA PRO A 419 22.25 -1.96 3.24
C PRO A 419 21.13 -1.02 3.66
N LEU A 420 20.39 -1.34 4.73
CA LEU A 420 19.38 -0.42 5.23
C LEU A 420 19.98 0.92 5.61
N GLY A 421 21.29 0.97 5.88
CA GLY A 421 21.94 2.24 6.18
C GLY A 421 21.97 3.20 5.01
N GLN A 422 21.77 2.70 3.79
CA GLN A 422 21.77 3.54 2.60
C GLN A 422 20.37 3.91 2.14
N LEU A 423 19.35 3.66 2.95
CA LEU A 423 17.98 3.96 2.56
C LEU A 423 17.81 5.46 2.30
N SER A 424 17.15 5.78 1.20
CA SER A 424 16.84 7.15 0.83
C SER A 424 15.35 7.26 0.54
N LEU A 425 14.74 8.37 0.94
CA LEU A 425 13.31 8.57 0.81
C LEU A 425 13.01 9.73 -0.13
N GLY A 426 11.91 9.60 -0.86
CA GLY A 426 11.49 10.62 -1.80
C GLY A 426 9.98 10.76 -1.88
N GLY A 427 9.48 11.26 -3.01
CA GLY A 427 8.06 11.46 -3.18
C GLY A 427 7.54 10.90 -4.48
N ILE A 428 6.32 11.30 -4.87
CA ILE A 428 5.71 10.80 -6.10
C ILE A 428 6.56 11.23 -7.30
N SER A 429 6.58 10.38 -8.32
CA SER A 429 7.31 10.67 -9.55
C SER A 429 6.88 9.67 -10.61
N GLU A 430 7.27 9.95 -11.85
CA GLU A 430 6.98 9.02 -12.95
C GLU A 430 7.82 7.75 -12.86
N LYS A 431 8.85 7.73 -12.02
CA LYS A 431 9.69 6.55 -11.88
C LYS A 431 8.96 5.38 -11.24
N TYR A 432 7.76 5.61 -10.70
CA TYR A 432 6.98 4.55 -10.06
C TYR A 432 6.24 3.68 -11.07
N LEU A 433 6.60 3.76 -12.34
CA LEU A 433 6.08 2.90 -13.40
C LEU A 433 7.25 2.23 -14.12
N PRO A 434 7.02 1.07 -14.73
CA PRO A 434 8.11 0.40 -15.44
C PRO A 434 8.60 1.26 -16.58
N PRO A 435 9.89 1.14 -16.94
CA PRO A 435 10.45 2.05 -17.96
C PRO A 435 9.78 1.93 -19.31
N ASP A 436 9.11 0.82 -19.60
CA ASP A 436 8.44 0.63 -20.88
C ASP A 436 7.01 1.15 -20.89
N ASN A 437 6.55 1.75 -19.80
CA ASN A 437 5.18 2.25 -19.75
C ASN A 437 5.00 3.38 -20.76
N ALA A 438 3.79 3.44 -21.34
CA ALA A 438 3.54 4.38 -22.43
C ALA A 438 3.65 5.82 -21.96
N VAL A 439 2.93 6.18 -20.89
CA VAL A 439 2.90 7.58 -20.48
C VAL A 439 4.17 7.98 -19.74
N ARG A 440 4.86 7.04 -19.10
CA ARG A 440 6.18 7.36 -18.56
C ARG A 440 7.12 7.79 -19.67
N GLN A 441 7.14 7.02 -20.76
CA GLN A 441 7.96 7.40 -21.91
C GLN A 441 7.48 8.72 -22.50
N SER A 442 6.16 8.93 -22.54
CA SER A 442 5.63 10.18 -23.07
C SER A 442 6.11 11.38 -22.25
N GLN A 443 6.08 11.26 -20.93
CA GLN A 443 6.50 12.37 -20.08
C GLN A 443 8.01 12.56 -20.15
N GLU A 444 8.77 11.47 -20.25
CA GLU A 444 10.21 11.61 -20.42
C GLU A 444 10.54 12.32 -21.74
N GLN A 445 9.83 11.98 -22.80
CA GLN A 445 10.01 12.66 -24.07
C GLN A 445 9.61 14.13 -23.97
N PHE A 446 8.54 14.41 -23.23
CA PHE A 446 8.14 15.79 -22.98
C PHE A 446 9.27 16.57 -22.31
N ASP A 447 9.85 15.99 -21.25
CA ASP A 447 10.93 16.66 -20.55
C ASP A 447 12.14 16.86 -21.45
N LYS A 448 12.50 15.82 -22.22
CA LYS A 448 13.68 15.92 -23.08
C LYS A 448 13.48 16.98 -24.16
N LEU A 449 12.31 16.99 -24.80
CA LEU A 449 12.07 17.95 -25.88
C LEU A 449 11.87 19.36 -25.33
N PHE A 450 11.22 19.49 -24.18
CA PHE A 450 10.86 20.79 -23.61
C PHE A 450 11.32 20.84 -22.16
N PRO A 451 12.63 20.89 -21.93
CA PRO A 451 13.13 20.98 -20.56
C PRO A 451 12.77 22.32 -19.93
N GLY A 452 12.57 22.29 -18.62
CA GLY A 452 12.25 23.48 -17.86
C GLY A 452 10.78 23.79 -17.76
N PHE A 453 9.91 23.06 -18.46
CA PHE A 453 8.48 23.26 -18.37
C PHE A 453 7.83 22.38 -17.30
N ARG A 454 8.60 21.51 -16.67
CA ARG A 454 8.14 20.70 -15.54
C ARG A 454 9.01 21.09 -14.35
N THR A 455 8.47 21.92 -13.46
CA THR A 455 9.21 22.45 -12.33
C THR A 455 8.42 22.24 -11.04
N GLU A 456 9.15 22.10 -9.94
CA GLU A 456 8.57 21.92 -8.62
C GLU A 456 9.22 22.93 -7.67
N PRO A 457 8.95 24.22 -7.88
CA PRO A 457 9.66 25.26 -7.13
C PRO A 457 9.20 25.36 -5.69
N LEU A 458 10.11 25.86 -4.85
CA LEU A 458 9.77 26.24 -3.49
C LEU A 458 9.01 27.56 -3.52
N THR A 459 8.07 27.70 -2.58
CA THR A 459 7.16 28.83 -2.53
C THR A 459 7.26 29.48 -1.15
N LEU A 460 7.50 30.79 -1.13
CA LEU A 460 7.38 31.59 0.07
C LEU A 460 6.03 32.30 0.04
N VAL A 461 5.18 31.99 1.01
CA VAL A 461 3.84 32.57 1.13
C VAL A 461 3.87 33.57 2.26
N MET A 462 3.60 34.83 1.95
CA MET A 462 3.63 35.93 2.90
C MET A 462 2.21 36.39 3.16
N LYS A 463 1.84 36.45 4.44
CA LYS A 463 0.50 36.82 4.85
C LYS A 463 0.57 37.90 5.92
N ARG A 464 -0.41 38.79 5.92
CA ARG A 464 -0.50 39.87 6.89
C ARG A 464 -1.64 39.55 7.86
N GLU A 465 -1.33 39.51 9.15
CA GLU A 465 -2.37 39.25 10.16
C GLU A 465 -3.38 40.38 10.24
N ASP A 466 -3.00 41.60 9.86
CA ASP A 466 -3.90 42.75 9.93
C ASP A 466 -4.80 42.85 8.71
N GLY A 467 -4.54 42.10 7.65
CA GLY A 467 -5.34 42.17 6.45
C GLY A 467 -4.98 43.31 5.51
N GLU A 468 -4.00 44.14 5.88
CA GLU A 468 -3.61 45.26 5.03
C GLU A 468 -2.90 44.75 3.78
N PRO A 469 -3.04 45.46 2.65
CA PRO A 469 -2.29 45.07 1.46
C PRO A 469 -0.79 45.09 1.72
N ILE A 470 -0.09 44.14 1.11
CA ILE A 470 1.35 44.02 1.30
C ILE A 470 2.05 45.09 0.48
N THR A 471 2.92 45.87 1.12
CA THR A 471 3.65 46.92 0.45
C THR A 471 4.76 46.34 -0.43
N ASP A 472 5.17 47.12 -1.42
CA ASP A 472 6.24 46.68 -2.30
C ASP A 472 7.55 46.49 -1.56
N ALA A 473 7.79 47.31 -0.53
CA ALA A 473 9.04 47.20 0.23
C ALA A 473 9.13 45.84 0.92
N GLN A 474 8.00 45.33 1.42
CA GLN A 474 8.00 44.05 2.13
C GLN A 474 8.39 42.92 1.18
N ILE A 475 7.80 42.88 -0.01
CA ILE A 475 8.18 41.85 -0.96
C ILE A 475 9.64 42.06 -1.41
N ALA A 476 10.06 43.31 -1.53
CA ALA A 476 11.43 43.58 -1.97
C ALA A 476 12.45 43.03 -0.98
N ASP A 477 12.31 43.38 0.31
CA ASP A 477 13.29 42.92 1.27
C ASP A 477 13.13 41.43 1.57
N MET A 478 11.93 40.87 1.44
CA MET A 478 11.79 39.42 1.53
C MET A 478 12.55 38.72 0.41
N ARG A 479 12.43 39.24 -0.82
CA ARG A 479 13.21 38.67 -1.91
C ARG A 479 14.70 38.80 -1.65
N ALA A 480 15.13 39.94 -1.11
CA ALA A 480 16.55 40.11 -0.80
C ALA A 480 17.02 39.08 0.22
N LYS A 481 16.29 38.93 1.32
CA LYS A 481 16.67 37.93 2.32
C LYS A 481 16.62 36.52 1.73
N ALA A 482 15.74 36.28 0.77
CA ALA A 482 15.75 35.00 0.07
C ALA A 482 17.03 34.82 -0.72
N LEU A 483 17.47 35.86 -1.43
CA LEU A 483 18.74 35.78 -2.12
C LEU A 483 19.90 35.57 -1.16
N THR A 484 19.74 35.98 0.11
CA THR A 484 20.76 35.66 1.10
C THR A 484 21.03 34.16 1.16
N VAL A 485 20.02 33.34 0.86
CA VAL A 485 20.18 31.90 0.79
C VAL A 485 20.52 31.52 -0.64
N SER A 486 21.57 30.72 -0.81
CA SER A 486 22.02 30.30 -2.13
C SER A 486 21.60 28.85 -2.39
N GLY A 487 21.53 28.51 -3.68
CA GLY A 487 21.18 27.17 -4.10
C GLY A 487 19.84 27.09 -4.80
N PHE A 488 19.48 28.14 -5.53
CA PHE A 488 18.23 28.20 -6.27
C PHE A 488 18.53 28.41 -7.75
N THR A 489 17.69 27.83 -8.59
CA THR A 489 17.92 27.89 -10.04
C THR A 489 17.97 29.34 -10.51
N ASP A 490 18.97 29.65 -11.33
CA ASP A 490 19.16 30.98 -11.90
C ASP A 490 19.40 30.84 -13.40
N PRO A 491 18.39 30.41 -14.15
CA PRO A 491 18.59 30.22 -15.59
C PRO A 491 19.00 31.48 -16.33
N ASP A 492 18.51 32.64 -15.89
CA ASP A 492 18.84 33.91 -16.53
C ASP A 492 20.09 34.56 -15.96
N ASN A 493 20.67 34.00 -14.91
CA ASN A 493 21.92 34.51 -14.32
C ASN A 493 21.79 35.98 -13.94
N ASP A 494 20.72 36.30 -13.21
CA ASP A 494 20.49 37.68 -12.79
C ASP A 494 19.63 37.70 -11.53
N PRO A 495 20.10 38.32 -10.44
CA PRO A 495 19.30 38.30 -9.20
C PRO A 495 18.08 39.21 -9.23
N GLU A 496 17.98 40.12 -10.20
CA GLU A 496 16.89 41.10 -10.18
C GLU A 496 15.53 40.43 -10.34
N LYS A 497 15.43 39.45 -11.24
CA LYS A 497 14.14 38.89 -11.65
C LYS A 497 13.97 37.43 -11.25
N MET A 498 14.60 37.01 -10.15
CA MET A 498 14.31 35.71 -9.55
C MET A 498 13.32 35.91 -8.41
N TRP A 499 12.78 34.79 -7.93
CA TRP A 499 11.70 34.81 -6.94
C TRP A 499 10.51 35.61 -7.46
N LYS A 500 9.99 35.17 -8.59
CA LYS A 500 8.86 35.81 -9.24
C LYS A 500 7.55 35.37 -8.61
N GLU A 501 6.55 36.24 -8.69
CA GLU A 501 5.24 35.93 -8.13
C GLU A 501 4.59 34.79 -8.89
N ARG A 502 3.76 34.03 -8.19
CA ARG A 502 3.05 32.92 -8.81
C ARG A 502 2.09 33.45 -9.88
N PRO A 503 1.95 32.75 -11.01
CA PRO A 503 0.97 33.18 -12.00
C PRO A 503 -0.43 33.19 -11.40
N ALA A 504 -1.21 34.20 -11.78
CA ALA A 504 -2.56 34.40 -11.25
C ALA A 504 -3.59 33.90 -12.26
N ASN A 505 -4.44 32.98 -11.82
CA ASN A 505 -5.51 32.46 -12.64
C ASN A 505 -6.80 33.22 -12.39
N ASP A 506 -7.78 33.01 -13.27
CA ASP A 506 -9.08 33.64 -13.08
C ASP A 506 -9.73 33.16 -11.79
N SER A 507 -9.62 31.87 -11.50
CA SER A 507 -10.14 31.34 -10.25
C SER A 507 -9.34 31.86 -9.07
N GLY A 508 -9.98 31.93 -7.91
CA GLY A 508 -9.35 32.43 -6.71
C GLY A 508 -9.64 33.91 -6.50
N SER A 509 -9.41 34.36 -5.27
CA SER A 509 -9.65 35.73 -4.86
C SER A 509 -8.34 36.48 -4.74
N LYS A 510 -8.28 37.66 -5.35
CA LYS A 510 -7.09 38.51 -5.31
C LYS A 510 -7.05 39.19 -3.94
N ASP A 511 -6.45 38.51 -2.97
CA ASP A 511 -6.31 39.06 -1.63
C ASP A 511 -5.01 39.85 -1.56
N PRO A 512 -5.05 41.17 -1.40
CA PRO A 512 -3.79 41.92 -1.29
C PRO A 512 -2.95 41.54 -0.08
N SER A 513 -3.57 40.95 0.95
CA SER A 513 -2.84 40.61 2.16
C SER A 513 -1.94 39.38 1.99
N VAL A 514 -2.08 38.65 0.89
CA VAL A 514 -1.30 37.43 0.64
C VAL A 514 -0.51 37.61 -0.64
N ARG A 515 0.78 37.31 -0.58
CA ARG A 515 1.65 37.33 -1.75
C ARG A 515 2.56 36.12 -1.71
N VAL A 516 2.61 35.37 -2.81
CA VAL A 516 3.43 34.17 -2.90
C VAL A 516 4.48 34.38 -3.97
N ILE A 517 5.74 34.17 -3.60
CA ILE A 517 6.84 34.15 -4.56
C ILE A 517 7.37 32.73 -4.60
N GLN A 518 8.10 32.41 -5.67
CA GLN A 518 8.60 31.04 -5.79
C GLN A 518 9.84 31.02 -6.67
N ASN A 519 10.59 29.93 -6.52
CA ASN A 519 11.76 29.70 -7.36
C ASN A 519 12.19 28.25 -7.22
N GLY A 520 12.82 27.73 -8.29
CA GLY A 520 13.27 26.36 -8.29
C GLY A 520 14.50 26.14 -7.44
N LEU A 521 14.86 24.87 -7.26
CA LEU A 521 15.99 24.46 -6.45
C LEU A 521 17.09 23.90 -7.35
N GLU A 522 18.34 24.16 -6.99
CA GLU A 522 19.47 23.65 -7.76
C GLU A 522 19.48 22.13 -7.75
N ASN A 523 19.23 21.51 -6.60
CA ASN A 523 19.19 20.06 -6.48
C ASN A 523 18.09 19.68 -5.50
N ARG A 524 17.27 18.71 -5.88
CA ARG A 524 16.17 18.27 -5.03
C ARG A 524 16.70 17.66 -3.73
N ASN A 525 17.80 16.89 -3.82
CA ASN A 525 18.30 16.18 -2.65
C ASN A 525 18.63 17.15 -1.51
N ASP A 526 19.19 18.31 -1.85
CA ASP A 526 19.56 19.30 -0.85
C ASP A 526 18.37 20.11 -0.35
N ALA A 527 17.19 19.91 -0.94
CA ALA A 527 16.02 20.71 -0.56
C ALA A 527 15.82 20.72 0.94
N ALA A 528 16.04 19.56 1.59
CA ALA A 528 15.81 19.47 3.03
C ALA A 528 16.52 20.59 3.78
N LYS A 529 17.75 20.90 3.39
CA LYS A 529 18.46 22.00 4.03
C LYS A 529 17.84 23.34 3.66
N LYS A 530 17.61 23.57 2.36
CA LYS A 530 17.12 24.87 1.92
C LYS A 530 15.80 25.21 2.57
N ILE A 531 14.88 24.25 2.64
CA ILE A 531 13.62 24.46 3.35
C ILE A 531 13.91 25.10 4.71
N ASP A 532 14.77 24.45 5.50
CA ASP A 532 15.09 24.99 6.82
C ASP A 532 15.68 26.38 6.71
N GLU A 533 16.61 26.58 5.77
CA GLU A 533 17.20 27.90 5.59
C GLU A 533 16.14 28.94 5.25
N LEU A 534 15.09 28.53 4.55
CA LEU A 534 14.01 29.46 4.23
C LEU A 534 13.10 29.69 5.43
N ARG A 535 13.00 28.71 6.33
CA ARG A 535 12.09 28.86 7.48
C ARG A 535 12.79 29.56 8.64
N ALA A 536 14.06 29.23 8.90
CA ALA A 536 14.82 29.95 9.91
C ALA A 536 15.02 31.41 9.53
N LEU A 537 14.85 31.74 8.24
CA LEU A 537 14.99 33.12 7.79
C LEU A 537 14.01 34.01 8.54
N GLN A 538 14.49 35.14 9.02
CA GLN A 538 13.66 36.06 9.78
C GLN A 538 12.69 36.77 8.84
N PRO A 539 11.38 36.65 9.04
CA PRO A 539 10.44 37.36 8.18
C PRO A 539 10.29 38.80 8.60
N PRO A 540 9.57 39.61 7.83
CA PRO A 540 9.31 41.00 8.25
C PRO A 540 8.53 41.07 9.55
N HIS A 541 8.31 42.28 10.05
CA HIS A 541 7.70 42.45 11.37
C HIS A 541 6.31 41.82 11.43
N GLY A 542 5.37 42.33 10.64
CA GLY A 542 3.99 41.93 10.75
C GLY A 542 3.54 40.91 9.72
N ILE A 543 4.48 40.20 9.12
CA ILE A 543 4.18 39.22 8.06
C ILE A 543 4.55 37.83 8.56
N GLU A 544 3.61 36.90 8.44
CA GLU A 544 3.86 35.50 8.71
C GLU A 544 4.16 34.79 7.40
N VAL A 545 5.13 33.88 7.42
CA VAL A 545 5.70 33.30 6.21
C VAL A 545 5.62 31.78 6.29
N PHE A 546 5.15 31.16 5.21
CA PHE A 546 5.11 29.72 5.08
C PHE A 546 5.96 29.28 3.89
N VAL A 547 6.51 28.08 3.97
CA VAL A 547 7.32 27.50 2.91
C VAL A 547 6.58 26.29 2.36
N GLY A 548 6.28 26.30 1.07
CA GLY A 548 5.52 25.24 0.45
C GLY A 548 6.07 24.82 -0.91
N GLY A 549 5.34 23.97 -1.60
CA GLY A 549 5.79 23.40 -2.86
C GLY A 549 6.08 21.91 -2.73
N THR A 550 6.03 21.23 -3.87
CA THR A 550 6.17 19.77 -3.87
C THR A 550 7.41 19.31 -3.12
N PRO A 551 8.60 19.87 -3.34
CA PRO A 551 9.73 19.49 -2.49
C PRO A 551 9.47 19.75 -1.02
N ALA A 552 8.82 20.88 -0.70
CA ALA A 552 8.50 21.19 0.69
C ALA A 552 7.52 20.18 1.27
N LEU A 553 6.48 19.82 0.51
CA LEU A 553 5.52 18.85 0.99
C LEU A 553 6.18 17.49 1.23
N GLU A 554 7.00 17.04 0.28
CA GLU A 554 7.67 15.76 0.44
C GLU A 554 8.62 15.77 1.64
N GLN A 555 9.38 16.84 1.80
CA GLN A 555 10.32 16.91 2.93
C GLN A 555 9.57 16.98 4.24
N ASP A 556 8.46 17.71 4.30
CA ASP A 556 7.68 17.78 5.53
C ASP A 556 7.09 16.42 5.87
N SER A 557 6.59 15.69 4.88
CA SER A 557 6.07 14.35 5.14
C SER A 557 7.19 13.43 5.65
N ILE A 558 8.37 13.51 5.04
CA ILE A 558 9.49 12.69 5.49
C ILE A 558 9.86 13.04 6.93
N HIS A 559 9.92 14.33 7.24
CA HIS A 559 10.30 14.75 8.59
C HIS A 559 9.25 14.31 9.61
N SER A 560 7.97 14.43 9.27
CA SER A 560 6.93 13.98 10.19
C SER A 560 7.03 12.48 10.41
N LEU A 561 7.28 11.71 9.34
CA LEU A 561 7.44 10.27 9.51
C LEU A 561 8.61 9.94 10.41
N PHE A 562 9.75 10.62 10.22
CA PHE A 562 10.90 10.39 11.07
C PHE A 562 10.59 10.76 12.52
N ASP A 563 9.90 11.88 12.73
CA ASP A 563 9.59 12.31 14.08
C ASP A 563 8.69 11.31 14.79
N LYS A 564 7.70 10.77 14.09
CA LYS A 564 6.75 9.83 14.69
C LYS A 564 7.24 8.39 14.70
N LEU A 565 8.31 8.07 13.97
CA LEU A 565 8.77 6.68 13.91
C LEU A 565 9.23 6.16 15.26
N PRO A 566 10.01 6.89 16.07
CA PRO A 566 10.39 6.33 17.38
C PRO A 566 9.19 6.02 18.26
N LEU A 567 8.23 6.94 18.36
CA LEU A 567 7.04 6.69 19.15
C LEU A 567 6.23 5.53 18.56
N MET A 568 6.15 5.46 17.23
CA MET A 568 5.42 4.38 16.59
C MET A 568 6.04 3.04 16.94
N ALA A 569 7.37 2.94 16.87
CA ALA A 569 8.04 1.69 17.19
C ALA A 569 7.88 1.33 18.67
N LEU A 570 7.96 2.33 19.54
CA LEU A 570 7.77 2.07 20.97
C LEU A 570 6.38 1.51 21.23
N ILE A 571 5.35 2.16 20.69
CA ILE A 571 3.99 1.69 20.88
C ILE A 571 3.83 0.29 20.27
N LEU A 572 4.38 0.09 19.08
CA LEU A 572 4.29 -1.22 18.43
C LEU A 572 4.85 -2.31 19.33
N ILE A 573 6.09 -2.13 19.80
CA ILE A 573 6.73 -3.16 20.62
C ILE A 573 5.96 -3.38 21.90
N VAL A 574 5.56 -2.29 22.58
CA VAL A 574 4.90 -2.43 23.87
C VAL A 574 3.56 -3.16 23.70
N THR A 575 2.74 -2.72 22.73
CA THR A 575 1.44 -3.34 22.55
C THR A 575 1.57 -4.81 22.14
N THR A 576 2.47 -5.11 21.20
CA THR A 576 2.61 -6.49 20.75
C THR A 576 3.11 -7.38 21.89
N THR A 577 4.08 -6.91 22.67
CA THR A 577 4.59 -7.68 23.78
C THR A 577 3.51 -7.93 24.82
N VAL A 578 2.72 -6.90 25.14
CA VAL A 578 1.65 -7.07 26.12
C VAL A 578 0.62 -8.06 25.61
N LEU A 579 0.27 -7.96 24.33
CA LEU A 579 -0.72 -8.87 23.77
C LEU A 579 -0.23 -10.31 23.80
N MET A 580 1.04 -10.54 23.46
CA MET A 580 1.56 -11.90 23.52
C MET A 580 1.68 -12.39 24.95
N PHE A 581 1.98 -11.51 25.90
CA PHE A 581 1.99 -11.92 27.30
C PHE A 581 0.59 -12.35 27.74
N LEU A 582 -0.43 -11.60 27.33
CA LEU A 582 -1.80 -11.99 27.66
C LEU A 582 -2.17 -13.31 27.01
N ALA A 583 -1.77 -13.51 25.76
CA ALA A 583 -2.16 -14.72 25.03
C ALA A 583 -1.43 -15.94 25.58
N PHE A 584 -0.10 -15.96 25.47
CA PHE A 584 0.66 -17.12 25.93
C PHE A 584 0.56 -17.28 27.44
N GLY A 585 0.58 -16.17 28.18
CA GLY A 585 0.61 -16.21 29.62
C GLY A 585 2.00 -16.18 30.23
N SER A 586 3.05 -16.25 29.40
CA SER A 586 4.42 -16.18 29.86
C SER A 586 4.95 -14.75 29.67
N VAL A 587 6.18 -14.53 30.15
CA VAL A 587 6.74 -13.20 30.21
C VAL A 587 7.90 -13.05 29.23
N VAL A 588 8.58 -14.16 28.93
CA VAL A 588 9.80 -14.10 28.14
C VAL A 588 9.52 -14.44 26.67
N LEU A 589 8.55 -15.32 26.43
CA LEU A 589 8.17 -15.61 25.05
C LEU A 589 7.78 -14.35 24.30
N PRO A 590 6.99 -13.43 24.85
CA PRO A 590 6.76 -12.16 24.13
C PRO A 590 8.04 -11.42 23.82
N ILE A 591 9.03 -11.45 24.73
CA ILE A 591 10.28 -10.74 24.49
C ILE A 591 11.02 -11.35 23.32
N LYS A 592 11.16 -12.68 23.30
CA LYS A 592 11.85 -13.32 22.19
C LYS A 592 11.08 -13.13 20.89
N ALA A 593 9.75 -13.15 20.96
CA ALA A 593 8.95 -12.92 19.76
C ALA A 593 9.16 -11.52 19.21
N ALA A 594 9.21 -10.52 20.09
CA ALA A 594 9.49 -9.16 19.64
C ALA A 594 10.87 -9.07 19.03
N LEU A 595 11.86 -9.72 19.64
CA LEU A 595 13.21 -9.71 19.07
C LEU A 595 13.22 -10.36 17.69
N MET A 596 12.53 -11.49 17.53
CA MET A 596 12.50 -12.17 16.24
C MET A 596 11.81 -11.33 15.19
N SER A 597 10.70 -10.68 15.56
CA SER A 597 10.02 -9.80 14.62
C SER A 597 10.90 -8.63 14.22
N ALA A 598 11.63 -8.06 15.18
CA ALA A 598 12.54 -6.97 14.86
C ALA A 598 13.64 -7.43 13.91
N LEU A 599 14.19 -8.62 14.15
CA LEU A 599 15.25 -9.13 13.28
C LEU A 599 14.72 -9.40 11.87
N THR A 600 13.55 -10.01 11.77
CA THR A 600 12.95 -10.26 10.46
C THR A 600 12.66 -8.96 9.74
N LEU A 601 12.15 -7.96 10.45
CA LEU A 601 11.91 -6.66 9.86
C LEU A 601 13.21 -6.02 9.36
N GLY A 602 14.26 -6.10 10.16
CA GLY A 602 15.54 -5.53 9.75
C GLY A 602 16.07 -6.21 8.50
N SER A 603 16.01 -7.54 8.46
CA SER A 603 16.48 -8.26 7.28
C SER A 603 15.65 -7.92 6.06
N THR A 604 14.33 -7.85 6.21
CA THR A 604 13.47 -7.54 5.07
C THR A 604 13.74 -6.14 4.55
N MET A 605 13.86 -5.16 5.45
CA MET A 605 14.16 -3.80 5.02
C MET A 605 15.53 -3.72 4.37
N GLY A 606 16.51 -4.45 4.90
CA GLY A 606 17.82 -4.47 4.27
C GLY A 606 17.78 -5.01 2.86
N ILE A 607 17.07 -6.13 2.66
CA ILE A 607 16.97 -6.71 1.33
C ILE A 607 16.21 -5.77 0.39
N LEU A 608 15.14 -5.15 0.89
CA LEU A 608 14.36 -4.24 0.06
C LEU A 608 15.19 -3.05 -0.38
N THR A 609 15.99 -2.47 0.54
CA THR A 609 16.87 -1.38 0.16
C THR A 609 17.97 -1.86 -0.77
N TRP A 610 18.44 -3.09 -0.60
CA TRP A 610 19.47 -3.64 -1.47
C TRP A 610 18.99 -3.77 -2.91
N MET A 611 17.74 -4.21 -3.09
CA MET A 611 17.26 -4.43 -4.45
C MET A 611 16.62 -3.18 -5.07
N PHE A 612 15.74 -2.51 -4.33
CA PHE A 612 14.99 -1.40 -4.91
C PHE A 612 15.84 -0.14 -5.04
N VAL A 613 16.67 0.16 -4.04
CA VAL A 613 17.44 1.40 -4.03
C VAL A 613 18.77 1.23 -4.75
N ASP A 614 19.56 0.22 -4.36
CA ASP A 614 20.84 -0.02 -5.01
C ASP A 614 20.69 -0.59 -6.40
N GLY A 615 19.48 -0.97 -6.81
CA GLY A 615 19.25 -1.49 -8.14
C GLY A 615 19.87 -2.85 -8.40
N HIS A 616 19.80 -3.75 -7.43
CA HIS A 616 20.26 -5.13 -7.60
C HIS A 616 19.05 -6.01 -7.84
N GLY A 617 18.99 -6.63 -9.02
CA GLY A 617 17.84 -7.42 -9.40
C GLY A 617 16.67 -6.62 -9.93
N SER A 618 16.86 -5.32 -10.20
CA SER A 618 15.77 -4.51 -10.70
C SER A 618 15.47 -4.80 -12.17
N GLY A 619 16.48 -5.23 -12.93
CA GLY A 619 16.26 -5.55 -14.33
C GLY A 619 15.28 -6.69 -14.53
N LEU A 620 15.27 -7.65 -13.60
CA LEU A 620 14.38 -8.80 -13.76
C LEU A 620 12.92 -8.37 -13.75
N MET A 621 12.54 -7.46 -12.85
CA MET A 621 11.17 -6.99 -12.73
C MET A 621 10.95 -5.66 -13.44
N ASN A 622 11.89 -5.22 -14.25
CA ASN A 622 11.76 -4.04 -15.10
C ASN A 622 11.13 -2.87 -14.35
N TYR A 623 11.82 -2.43 -13.30
CA TYR A 623 11.51 -1.19 -12.61
C TYR A 623 12.80 -0.44 -12.36
N THR A 624 12.76 0.88 -12.56
CA THR A 624 13.95 1.68 -12.33
C THR A 624 14.23 1.79 -10.84
N PRO A 625 15.52 1.85 -10.44
CA PRO A 625 15.85 2.00 -9.02
C PRO A 625 15.75 3.46 -8.58
N GLN A 626 14.79 3.73 -7.70
CA GLN A 626 14.57 5.05 -7.15
C GLN A 626 14.47 4.93 -5.64
N PRO A 627 14.75 6.00 -4.91
CA PRO A 627 14.62 5.95 -3.44
C PRO A 627 13.18 5.72 -3.03
N LEU A 628 13.00 5.05 -1.90
CA LEU A 628 11.67 4.76 -1.39
C LEU A 628 10.91 6.05 -1.15
N MET A 629 9.62 5.92 -0.88
CA MET A 629 8.78 7.06 -0.52
C MET A 629 8.47 7.00 0.97
N ALA A 630 8.14 8.16 1.53
CA ALA A 630 8.06 8.32 2.98
C ALA A 630 7.08 7.34 3.61
N PRO A 631 5.78 7.45 3.36
CA PRO A 631 4.83 6.60 4.10
C PRO A 631 5.00 5.11 3.86
N MET A 632 5.69 4.72 2.78
CA MET A 632 5.82 3.29 2.49
C MET A 632 6.61 2.57 3.56
N ILE A 633 7.69 3.17 4.05
CA ILE A 633 8.47 2.51 5.10
C ILE A 633 7.65 2.43 6.39
N GLY A 634 6.94 3.49 6.73
CA GLY A 634 6.11 3.46 7.92
C GLY A 634 5.06 2.37 7.85
N LEU A 635 4.49 2.17 6.65
CA LEU A 635 3.48 1.13 6.49
C LEU A 635 4.11 -0.26 6.54
N ILE A 636 5.24 -0.45 5.86
CA ILE A 636 5.83 -1.76 5.75
C ILE A 636 6.38 -2.23 7.10
N ILE A 637 6.90 -1.31 7.92
CA ILE A 637 7.34 -1.67 9.26
C ILE A 637 6.19 -2.31 10.03
N ALA A 638 5.05 -1.65 10.07
CA ALA A 638 3.91 -2.18 10.82
C ALA A 638 3.42 -3.49 10.22
N VAL A 639 3.33 -3.56 8.90
CA VAL A 639 2.82 -4.76 8.24
C VAL A 639 3.72 -5.95 8.56
N ILE A 640 5.03 -5.77 8.38
CA ILE A 640 5.97 -6.87 8.60
C ILE A 640 5.98 -7.28 10.06
N TRP A 641 5.97 -6.32 10.98
CA TRP A 641 5.95 -6.67 12.40
C TRP A 641 4.70 -7.46 12.74
N GLY A 642 3.54 -6.98 12.30
CA GLY A 642 2.31 -7.68 12.59
C GLY A 642 2.28 -9.09 12.02
N LEU A 643 2.77 -9.25 10.79
CA LEU A 643 2.72 -10.56 10.14
C LEU A 643 3.70 -11.53 10.79
N SER A 644 4.91 -11.07 11.10
CA SER A 644 5.87 -11.93 11.79
C SER A 644 5.36 -12.33 13.16
N THR A 645 4.73 -11.40 13.88
CA THR A 645 4.13 -11.75 15.16
C THR A 645 2.97 -12.73 14.97
N ASP A 646 2.21 -12.59 13.88
CA ASP A 646 1.15 -13.54 13.58
C ASP A 646 1.69 -14.95 13.46
N TYR A 647 2.73 -15.13 12.64
CA TYR A 647 3.30 -16.46 12.49
C TYR A 647 4.01 -16.94 13.74
N GLU A 648 4.61 -16.04 14.53
CA GLU A 648 5.19 -16.46 15.80
C GLU A 648 4.11 -17.00 16.72
N VAL A 649 2.96 -16.33 16.80
CA VAL A 649 1.86 -16.79 17.63
C VAL A 649 1.34 -18.12 17.11
N PHE A 650 1.21 -18.26 15.79
CA PHE A 650 0.72 -19.51 15.23
C PHE A 650 1.66 -20.66 15.58
N LEU A 651 2.97 -20.43 15.49
CA LEU A 651 3.93 -21.48 15.79
C LEU A 651 3.98 -21.79 17.28
N VAL A 652 3.79 -20.79 18.14
CA VAL A 652 3.96 -20.99 19.58
C VAL A 652 2.67 -21.39 20.29
N SER A 653 1.51 -21.26 19.65
CA SER A 653 0.26 -21.68 20.28
C SER A 653 0.28 -23.18 20.57
N ARG A 654 0.72 -23.98 19.59
CA ARG A 654 0.80 -25.41 19.82
C ARG A 654 1.82 -25.75 20.90
N MET A 655 2.94 -25.02 20.94
CA MET A 655 3.94 -25.28 21.97
C MET A 655 3.39 -24.98 23.36
N VAL A 656 2.66 -23.88 23.51
CA VAL A 656 2.12 -23.54 24.82
C VAL A 656 1.04 -24.53 25.22
N GLU A 657 0.19 -24.94 24.27
CA GLU A 657 -0.80 -25.96 24.58
C GLU A 657 -0.13 -27.27 24.98
N ALA A 658 0.97 -27.63 24.32
CA ALA A 658 1.70 -28.83 24.69
C ALA A 658 2.25 -28.73 26.10
N ARG A 659 2.82 -27.59 26.46
CA ARG A 659 3.35 -27.42 27.81
C ARG A 659 2.23 -27.50 28.84
N GLU A 660 1.08 -26.89 28.56
CA GLU A 660 -0.06 -27.01 29.46
C GLU A 660 -0.58 -28.45 29.51
N ARG A 661 -0.22 -29.28 28.55
CA ARG A 661 -0.61 -30.68 28.55
C ARG A 661 0.30 -31.56 29.40
N GLY A 662 1.36 -30.99 29.99
CA GLY A 662 2.21 -31.72 30.90
C GLY A 662 3.29 -32.55 30.22
N MET A 663 4.16 -31.90 29.46
CA MET A 663 5.30 -32.56 28.85
C MET A 663 6.50 -31.62 28.87
N SER A 664 7.69 -32.21 28.76
CA SER A 664 8.92 -31.45 28.86
C SER A 664 8.96 -30.34 27.82
N THR A 665 9.84 -29.36 28.08
CA THR A 665 9.97 -28.23 27.17
C THR A 665 10.40 -28.69 25.78
N ALA A 666 11.42 -29.55 25.72
CA ALA A 666 11.87 -30.07 24.43
C ALA A 666 10.77 -30.89 23.76
N GLU A 667 10.13 -31.77 24.52
CA GLU A 667 9.04 -32.56 23.97
C GLU A 667 7.88 -31.67 23.54
N ALA A 668 7.54 -30.66 24.36
CA ALA A 668 6.43 -29.78 24.01
C ALA A 668 6.71 -29.01 22.72
N ILE A 669 7.92 -28.47 22.59
CA ILE A 669 8.25 -27.70 21.39
C ILE A 669 8.29 -28.61 20.18
N ARG A 670 8.85 -29.82 20.32
CA ARG A 670 8.88 -30.74 19.19
C ARG A 670 7.47 -31.11 18.75
N ILE A 671 6.59 -31.41 19.70
CA ILE A 671 5.21 -31.75 19.35
C ILE A 671 4.53 -30.58 18.67
N GLY A 672 4.68 -29.38 19.21
CA GLY A 672 4.03 -28.22 18.63
C GLY A 672 4.50 -27.95 17.21
N THR A 673 5.81 -27.95 16.99
CA THR A 673 6.33 -27.69 15.66
C THR A 673 5.92 -28.79 14.68
N ALA A 674 5.97 -30.06 15.11
CA ALA A 674 5.56 -31.14 14.22
C ALA A 674 4.09 -31.01 13.84
N THR A 675 3.24 -30.68 14.81
CA THR A 675 1.81 -30.56 14.51
C THR A 675 1.53 -29.37 13.60
N THR A 676 2.19 -28.24 13.82
CA THR A 676 1.90 -27.02 13.08
C THR A 676 2.73 -26.86 11.81
N GLY A 677 3.63 -27.79 11.51
CA GLY A 677 4.47 -27.64 10.34
C GLY A 677 3.73 -27.49 9.03
N ARG A 678 2.86 -28.45 8.71
CA ARG A 678 2.15 -28.41 7.43
C ARG A 678 1.24 -27.18 7.36
N LEU A 679 0.56 -26.86 8.46
CA LEU A 679 -0.33 -25.70 8.46
C LEU A 679 0.44 -24.41 8.22
N ILE A 680 1.58 -24.25 8.90
CA ILE A 680 2.37 -23.03 8.73
C ILE A 680 2.91 -22.95 7.32
N THR A 681 3.40 -24.07 6.77
CA THR A 681 3.90 -24.07 5.41
C THR A 681 2.80 -23.69 4.43
N GLY A 682 1.59 -24.24 4.62
CA GLY A 682 0.49 -23.92 3.73
C GLY A 682 0.10 -22.45 3.81
N ALA A 683 0.01 -21.91 5.02
CA ALA A 683 -0.35 -20.50 5.17
C ALA A 683 0.71 -19.59 4.54
N ALA A 684 1.99 -19.91 4.76
CA ALA A 684 3.06 -19.12 4.16
C ALA A 684 2.98 -19.19 2.65
N LEU A 685 2.72 -20.39 2.10
CA LEU A 685 2.59 -20.53 0.65
C LEU A 685 1.43 -19.70 0.11
N ILE A 686 0.29 -19.73 0.81
CA ILE A 686 -0.87 -18.97 0.35
C ILE A 686 -0.56 -17.49 0.31
N LEU A 687 0.01 -16.96 1.40
CA LEU A 687 0.25 -15.51 1.44
C LEU A 687 1.36 -15.12 0.48
N ALA A 688 2.37 -15.98 0.32
CA ALA A 688 3.41 -15.71 -0.67
C ALA A 688 2.84 -15.68 -2.08
N VAL A 689 1.91 -16.60 -2.38
CA VAL A 689 1.30 -16.63 -3.70
C VAL A 689 0.48 -15.37 -3.94
N VAL A 690 -0.34 -14.97 -2.98
CA VAL A 690 -1.17 -13.79 -3.19
C VAL A 690 -0.31 -12.54 -3.26
N ALA A 691 0.85 -12.53 -2.57
CA ALA A 691 1.75 -11.39 -2.70
C ALA A 691 2.45 -11.38 -4.05
N GLY A 692 2.91 -12.55 -4.51
CA GLY A 692 3.52 -12.63 -5.83
C GLY A 692 2.57 -12.24 -6.94
N ALA A 693 1.28 -12.47 -6.73
CA ALA A 693 0.29 -11.98 -7.69
C ALA A 693 0.39 -10.47 -7.86
N PHE A 694 0.75 -9.75 -6.80
CA PHE A 694 0.92 -8.30 -6.85
C PHE A 694 2.37 -7.88 -7.12
N VAL A 695 3.32 -8.80 -7.06
CA VAL A 695 4.71 -8.46 -7.33
C VAL A 695 4.86 -7.97 -8.77
N PHE A 696 4.25 -8.68 -9.71
CA PHE A 696 4.33 -8.32 -11.12
C PHE A 696 3.38 -7.17 -11.43
N SER A 697 3.58 -6.07 -10.71
CA SER A 697 2.71 -4.90 -10.77
C SER A 697 3.47 -3.72 -11.35
N ASP A 698 2.78 -2.93 -12.18
CA ASP A 698 3.38 -1.74 -12.75
C ASP A 698 3.58 -0.64 -11.73
N LEU A 699 2.97 -0.75 -10.56
CA LEU A 699 3.13 0.23 -9.48
C LEU A 699 4.29 -0.19 -8.59
N VAL A 700 5.32 0.65 -8.52
CA VAL A 700 6.50 0.31 -7.75
C VAL A 700 6.22 0.31 -6.25
N MET A 701 5.19 1.04 -5.79
CA MET A 701 4.79 0.94 -4.40
C MET A 701 4.26 -0.45 -4.09
N MET A 702 3.43 -1.00 -5.00
CA MET A 702 2.94 -2.36 -4.82
C MET A 702 4.10 -3.36 -4.87
N LYS A 703 5.08 -3.11 -5.74
CA LYS A 703 6.27 -3.96 -5.76
C LYS A 703 6.99 -3.91 -4.42
N TYR A 704 7.20 -2.70 -3.89
CA TYR A 704 7.77 -2.55 -2.56
C TYR A 704 7.05 -3.45 -1.56
N LEU A 705 5.74 -3.23 -1.42
CA LEU A 705 4.99 -3.92 -0.38
C LEU A 705 4.99 -5.43 -0.58
N ALA A 706 4.76 -5.89 -1.81
CA ALA A 706 4.68 -7.31 -2.07
C ALA A 706 6.02 -8.00 -1.86
N PHE A 707 7.10 -7.41 -2.36
CA PHE A 707 8.42 -8.00 -2.16
C PHE A 707 8.76 -8.05 -0.67
N GLY A 708 8.48 -6.98 0.06
CA GLY A 708 8.73 -7.00 1.49
C GLY A 708 7.94 -8.08 2.20
N LEU A 709 6.66 -8.20 1.86
CA LEU A 709 5.83 -9.20 2.51
C LEU A 709 6.33 -10.61 2.22
N LEU A 710 6.66 -10.90 0.96
CA LEU A 710 7.07 -12.26 0.62
C LEU A 710 8.47 -12.57 1.15
N ILE A 711 9.34 -11.57 1.27
CA ILE A 711 10.62 -11.78 1.92
C ILE A 711 10.42 -12.10 3.39
N ALA A 712 9.49 -11.38 4.04
CA ALA A 712 9.15 -11.72 5.43
C ALA A 712 8.61 -13.14 5.52
N LEU A 713 7.75 -13.53 4.57
CA LEU A 713 7.26 -14.90 4.52
C LEU A 713 8.41 -15.89 4.46
N LEU A 714 9.31 -15.71 3.50
CA LEU A 714 10.40 -16.65 3.32
C LEU A 714 11.26 -16.74 4.58
N LEU A 715 11.62 -15.59 5.15
CA LEU A 715 12.47 -15.60 6.34
C LEU A 715 11.76 -16.28 7.50
N ASP A 716 10.55 -15.83 7.83
CA ASP A 716 9.85 -16.35 9.00
C ASP A 716 9.38 -17.80 8.80
N ALA A 717 9.35 -18.29 7.57
CA ALA A 717 8.94 -19.66 7.31
C ALA A 717 10.10 -20.62 7.26
N THR A 718 11.26 -20.21 6.76
CA THR A 718 12.43 -21.07 6.73
C THR A 718 13.36 -20.80 7.91
N ILE A 719 13.94 -19.61 7.98
CA ILE A 719 15.09 -19.41 8.84
C ILE A 719 14.67 -19.25 10.30
N ILE A 720 13.64 -18.45 10.54
CA ILE A 720 13.21 -18.17 11.91
C ILE A 720 12.73 -19.45 12.59
N ARG A 721 11.90 -20.23 11.90
CA ARG A 721 11.21 -21.33 12.55
C ARG A 721 11.91 -22.68 12.36
N MET A 722 12.42 -22.99 11.17
CA MET A 722 13.00 -24.31 10.96
C MET A 722 14.22 -24.53 11.86
N PHE A 723 15.06 -23.51 12.00
CA PHE A 723 16.32 -23.64 12.72
C PHE A 723 16.44 -22.73 13.92
N LEU A 724 15.96 -21.48 13.82
CA LEU A 724 16.32 -20.47 14.81
C LEU A 724 15.46 -20.56 16.07
N VAL A 725 14.14 -20.56 15.90
CA VAL A 725 13.24 -20.53 17.05
C VAL A 725 13.46 -21.74 17.97
N PRO A 726 13.49 -22.97 17.48
CA PRO A 726 13.75 -24.10 18.39
C PRO A 726 15.06 -23.98 19.13
N ALA A 727 16.11 -23.52 18.45
CA ALA A 727 17.41 -23.36 19.10
C ALA A 727 17.33 -22.34 20.23
N VAL A 728 16.66 -21.22 19.98
CA VAL A 728 16.57 -20.19 21.02
C VAL A 728 15.70 -20.67 22.18
N MET A 729 14.64 -21.42 21.89
CA MET A 729 13.83 -21.98 22.97
C MET A 729 14.65 -22.94 23.81
N LYS A 730 15.45 -23.80 23.18
CA LYS A 730 16.30 -24.69 23.96
C LYS A 730 17.31 -23.91 24.79
N LEU A 731 17.91 -22.87 24.21
CA LEU A 731 18.88 -22.07 24.96
C LEU A 731 18.22 -21.44 26.18
N LEU A 732 17.01 -20.91 26.02
CA LEU A 732 16.29 -20.37 27.17
C LEU A 732 15.96 -21.47 28.17
N GLY A 733 15.70 -22.68 27.69
CA GLY A 733 15.44 -23.79 28.60
C GLY A 733 14.08 -23.68 29.27
N ASP A 734 14.02 -24.12 30.52
CA ASP A 734 12.78 -24.02 31.28
C ASP A 734 12.42 -22.58 31.62
N ASP A 735 13.34 -21.64 31.44
CA ASP A 735 13.04 -20.24 31.71
C ASP A 735 12.03 -19.66 30.74
N CYS A 736 11.73 -20.35 29.64
CA CYS A 736 10.70 -19.88 28.73
C CYS A 736 9.39 -19.63 29.47
N TRP A 737 9.09 -20.45 30.47
CA TRP A 737 7.85 -20.34 31.24
C TRP A 737 8.05 -19.63 32.57
N TRP A 738 8.95 -18.65 32.58
CA TRP A 738 9.19 -17.83 33.77
C TRP A 738 8.17 -16.69 33.78
N ALA A 739 7.19 -16.79 34.69
CA ALA A 739 6.14 -15.79 34.79
C ALA A 739 5.79 -15.53 36.26
#